data_5YWD
#
_entry.id   5YWD
#
loop_
_entity.id
_entity.type
_entity.pdbx_description
1 polymer 'ATP-binding cassette sub-family C member 8 isoform X2'
2 non-polymer "ADENOSINE-5'-DIPHOSPHATE"
3 non-polymer 'MAGNESIUM ION'
#
_entity_poly.entity_id   1
_entity_poly.type   'polypeptide(L)'
_entity_poly.pdbx_seq_one_letter_code
;MPLAFCGTENHSAAYRVDQGVLNNGCFVDALNVVPHVFLLFITFPILFIGWGSQSSKVHIHHSTWLHFPGHNLRWILTFI
LLFVLVCEIAEGILSDGVTESRHLHLYMPAGMAFMAAITSVVYYHNIETSNFPKLLIALLIYWTLAFITKTIKFVKFYDH
AIGFSQLRFCLTGLLVILYGMLLLVEVNVIRVRRYIFFKTPREVKPPEDLQDLGVRFLQPFVNLLSKGTYWWMNAFIKTA
HKKPIDLRAIGKLPIAMRALTNYQRLCVAFDAQARKDTQSPQGARAIWRALCHAFGRRLILSSTFRILADLLGFAGPLCI
FGIVDHLGKENHVFQPKTQFLGVYFVSSQEFLGNAYVLAVLLFLALLLQRTFLQASYYVAIETGINLRGAIQTKIYNKIM
HLSTSNLSMGEMTAGQICNLVAIDTNQLMWFFFLCPNLWAMPVQIIVGVILLYYILGVSALIGAAVIILLAPVQYFVATK
LSQAQRSTLEHSNERLKQTNEMLRGMKLLKLYAWESIFCSRVEVTRRKEMTSLRAFAVYTSISIFMNTAIPIAAVLITFV
GHVSFFKESDLSPSVAFASLSLFHILVTPLFLLSSVVRSTVKALVSVQKLSEFLSSAEIREEQCAPREPAPQGQAGKYQA
VPLKVVNRKRPAREEVRDLLGPLQRLAPSMDGDADNFCVQIIGGFFTWTPDGIPTLSNITIRIPRGQLTMIVGQVGCGKS
SLLLATLGEMQKVSGAVFWNSNLPDSEGEDPSSPERETAAGSDIRSRGPVAYASQKPWLLNATVEENITFESPFNKQRYK
MVIEACSLQPDIDILPHGDQTQIGERGINLSGGQRQRISVARALYQQTNVVFLDDPFSALDVHLSDHLMQAGILELLRDD
KRTVVLVTHKLQYLPHADWIIAMKDGTIQREGTLKDFQRSECQLFEHWKTLMNRQDQELEKETVMERKASEPSQGLPRAM
SSRDGLLLDEEEEEEEAAESEEDDNLSSVLHQRAKIPWRACTKYLSSAGILLLSLLVFSQLLKHMVLVAIDYWLAKWTDS
ALVLSPAARNCSLSQECDLDQSVYAMVFTLLCSLGIVLCLVTSVTVEWTGLKVAKRLHRSLLNRIILAPMRFFETTPLGS
ILNRFSSDCNTIDQHIPSTLECLSRSTLLCVSALTVISYVTPVFLVALLPLAVVCYFIQKYFRVASRDLQQLDDTTQLPL
LSHFAETVEGLTTIRAFRYEARFQQKLLEYTDSNNIASLFLTAANRWLEVRMEYIGACVVLIAAATSISNSLHRELSAGL
VGLGLTYALMVSNYLNWMVRNLADMEIQLGAVKRIHALLKTEAESYEGLLAPSLIPKNWPDQGKIQIQNLSVRYDSSLKP
VLKHVNALISPGQKIGICGRTGSGKSSFSLAFFRMVDMFEGRIIIDGIDIAKLPLHTLRSRLSIILQDPVLFSGTIRFNL
DPEKKCSDSTLWEALEIAQLKLVVKALPGGLDAIITEGGENFSQGQRQLFCLARAFVRKTSIFIMDEATASIDMATENIL
QKVVMTAFADRTVVTIAHRVHTILSADLVMVLKRGAILEFDKPETLLSQKDSVFASFVRADK
;
_entity_poly.pdbx_strand_id   B
#
# COMPACT_ATOMS: atom_id res chain seq x y z
N GLY A 214 0.60 32.77 11.71
CA GLY A 214 1.65 32.41 10.78
C GLY A 214 1.21 31.39 9.74
N VAL A 215 0.66 31.88 8.63
CA VAL A 215 0.16 31.03 7.56
C VAL A 215 0.65 31.60 6.23
N ARG A 216 0.83 30.72 5.26
CA ARG A 216 1.16 31.12 3.89
C ARG A 216 0.05 30.84 2.90
N PHE A 217 -0.70 29.76 3.07
CA PHE A 217 -1.87 29.50 2.23
C PHE A 217 -2.96 30.49 2.59
N LEU A 218 -3.36 31.32 1.63
CA LEU A 218 -4.51 32.21 1.82
C LEU A 218 -5.40 32.07 0.59
N GLN A 219 -6.27 31.09 0.61
CA GLN A 219 -7.37 31.17 -0.35
C GLN A 219 -8.55 31.95 0.25
N PRO A 220 -9.00 31.65 1.47
CA PRO A 220 -10.14 32.41 2.02
C PRO A 220 -9.77 33.82 2.45
N PHE A 221 -8.48 34.16 2.46
CA PHE A 221 -8.02 35.42 3.03
C PHE A 221 -7.56 36.39 1.94
N VAL A 222 -8.26 36.42 0.81
CA VAL A 222 -7.94 37.37 -0.25
C VAL A 222 -9.20 38.02 -0.78
N ASN A 223 -9.06 38.83 -1.82
CA ASN A 223 -10.13 39.65 -2.35
C ASN A 223 -10.98 38.86 -3.32
N LEU A 224 -12.12 39.46 -3.68
CA LEU A 224 -13.09 38.81 -4.56
C LEU A 224 -12.45 38.40 -5.88
N LEU A 225 -11.75 39.33 -6.54
CA LEU A 225 -11.30 39.07 -7.90
C LEU A 225 -10.12 38.13 -7.94
N SER A 226 -9.37 38.00 -6.85
CA SER A 226 -8.16 37.21 -6.91
C SER A 226 -8.43 35.72 -6.76
N LYS A 227 -9.43 35.34 -5.98
CA LYS A 227 -9.69 33.93 -5.71
C LYS A 227 -9.83 33.13 -7.01
N GLY A 228 -10.37 33.74 -8.06
CA GLY A 228 -10.56 33.02 -9.31
C GLY A 228 -9.26 32.74 -10.04
N THR A 229 -8.31 33.67 -9.96
CA THR A 229 -7.06 33.55 -10.70
C THR A 229 -5.91 32.98 -9.88
N TYR A 230 -6.06 32.87 -8.56
CA TYR A 230 -4.96 32.49 -7.68
C TYR A 230 -3.77 33.42 -7.90
N TRP A 231 -4.06 34.72 -7.87
CA TRP A 231 -3.01 35.73 -8.00
C TRP A 231 -2.04 35.69 -6.82
N TRP A 232 -2.56 35.42 -5.62
CA TRP A 232 -1.75 35.27 -4.43
C TRP A 232 -0.61 34.28 -4.64
N MET A 233 -0.83 33.25 -5.47
CA MET A 233 0.18 32.22 -5.66
C MET A 233 1.46 32.78 -6.24
N ASN A 234 1.39 33.91 -6.94
CA ASN A 234 2.54 34.48 -7.64
C ASN A 234 3.79 34.47 -6.77
N ALA A 235 3.74 35.22 -5.67
CA ALA A 235 4.86 35.27 -4.72
C ALA A 235 5.42 33.88 -4.48
N PHE A 236 4.55 32.97 -4.03
CA PHE A 236 4.99 31.63 -3.67
C PHE A 236 5.74 30.98 -4.84
N ILE A 237 5.14 30.96 -6.02
CA ILE A 237 5.81 30.24 -7.09
C ILE A 237 7.11 30.95 -7.45
N LYS A 238 7.12 32.29 -7.35
CA LYS A 238 8.36 33.01 -7.58
C LYS A 238 9.39 32.69 -6.50
N THR A 239 8.92 32.54 -5.26
CA THR A 239 9.84 32.26 -4.16
C THR A 239 10.46 30.87 -4.31
N ALA A 240 9.66 29.90 -4.73
CA ALA A 240 10.11 28.51 -4.77
C ALA A 240 11.35 28.35 -5.65
N HIS A 241 11.43 29.11 -6.75
CA HIS A 241 12.59 28.99 -7.62
C HIS A 241 13.84 29.55 -6.94
N LYS A 242 13.70 30.62 -6.15
CA LYS A 242 14.85 31.21 -5.48
C LYS A 242 15.40 30.29 -4.39
N LYS A 243 14.53 29.61 -3.65
CA LYS A 243 14.93 28.75 -2.56
C LYS A 243 14.04 27.51 -2.55
N PRO A 244 14.62 26.31 -2.44
CA PRO A 244 13.80 25.10 -2.37
C PRO A 244 12.75 25.15 -1.28
N ILE A 245 11.69 24.36 -1.44
CA ILE A 245 10.52 24.42 -0.57
C ILE A 245 10.70 23.45 0.59
N ASP A 246 10.17 23.84 1.75
CA ASP A 246 10.27 23.05 2.96
C ASP A 246 8.91 23.05 3.68
N LEU A 247 8.78 22.12 4.64
CA LEU A 247 7.56 22.08 5.45
C LEU A 247 7.46 23.28 6.37
N ARG A 248 8.58 23.72 6.94
CA ARG A 248 8.57 24.97 7.69
C ARG A 248 8.43 26.18 6.77
N ALA A 249 8.81 26.04 5.50
CA ALA A 249 8.54 27.10 4.53
C ALA A 249 7.03 27.27 4.35
N ILE A 250 6.34 26.20 3.93
CA ILE A 250 4.90 26.25 3.79
C ILE A 250 4.26 26.45 5.17
N GLY A 251 3.09 27.10 5.19
CA GLY A 251 2.50 27.57 6.42
C GLY A 251 1.78 26.48 7.20
N LYS A 252 0.82 26.92 8.01
CA LYS A 252 -0.09 26.04 8.72
C LYS A 252 -1.44 26.03 8.00
N LEU A 253 -2.40 25.34 8.60
CA LEU A 253 -3.68 25.30 7.91
C LEU A 253 -4.68 26.27 8.55
N PRO A 254 -5.55 26.87 7.75
CA PRO A 254 -6.50 27.87 8.26
C PRO A 254 -7.39 27.33 9.37
N ILE A 255 -8.12 28.28 9.98
CA ILE A 255 -9.10 27.97 11.01
C ILE A 255 -10.11 26.95 10.48
N ALA A 256 -10.60 27.16 9.26
CA ALA A 256 -11.63 26.31 8.66
C ALA A 256 -11.06 25.17 7.82
N MET A 257 -9.79 24.83 8.02
CA MET A 257 -9.15 23.77 7.25
C MET A 257 -8.58 22.65 8.10
N ARG A 258 -8.61 22.79 9.43
CA ARG A 258 -7.98 21.80 10.29
C ARG A 258 -8.80 20.53 10.35
N ALA A 259 -8.10 19.39 10.36
CA ALA A 259 -8.79 18.10 10.41
C ALA A 259 -9.61 17.93 11.67
N LEU A 260 -9.26 18.65 12.75
CA LEU A 260 -10.03 18.55 13.98
C LEU A 260 -11.46 19.01 13.78
N THR A 261 -11.64 20.15 13.12
CA THR A 261 -12.99 20.69 12.90
C THR A 261 -13.77 19.82 11.92
N ASN A 262 -13.10 19.26 10.92
CA ASN A 262 -13.79 18.37 9.98
C ASN A 262 -14.25 17.10 10.67
N TYR A 263 -13.37 16.50 11.48
CA TYR A 263 -13.76 15.33 12.28
C TYR A 263 -14.91 15.67 13.21
N GLN A 264 -14.87 16.87 13.81
CA GLN A 264 -15.95 17.32 14.70
C GLN A 264 -17.29 17.37 13.96
N ARG A 265 -17.32 18.12 12.86
CA ARG A 265 -18.52 18.23 12.03
C ARG A 265 -19.02 16.86 11.61
N LEU A 266 -18.10 15.99 11.19
CA LEU A 266 -18.49 14.67 10.68
C LEU A 266 -19.09 13.81 11.79
N CYS A 267 -18.50 13.83 12.98
CA CYS A 267 -19.05 13.03 14.07
C CYS A 267 -20.38 13.59 14.53
N VAL A 268 -20.54 14.92 14.53
CA VAL A 268 -21.84 15.50 14.88
C VAL A 268 -22.90 15.05 13.90
N ALA A 269 -22.59 15.10 12.60
CA ALA A 269 -23.55 14.67 11.60
C ALA A 269 -23.83 13.17 11.70
N PHE A 270 -22.80 12.37 12.00
CA PHE A 270 -22.98 10.94 12.16
C PHE A 270 -23.91 10.64 13.34
N ASP A 271 -23.75 11.39 14.44
CA ASP A 271 -24.63 11.22 15.59
C ASP A 271 -26.06 11.60 15.24
N ALA A 272 -26.23 12.74 14.57
CA ALA A 272 -27.58 13.15 14.18
C ALA A 272 -28.22 12.14 13.24
N GLN A 273 -27.42 11.51 12.38
CA GLN A 273 -27.94 10.48 11.48
C GLN A 273 -28.31 9.22 12.24
N ALA A 274 -27.53 8.86 13.26
CA ALA A 274 -27.82 7.65 14.02
C ALA A 274 -29.06 7.81 14.87
N ARG A 275 -29.26 9.00 15.45
CA ARG A 275 -30.45 9.22 16.28
C ARG A 275 -31.73 9.13 15.45
N LYS A 276 -31.67 9.53 14.18
CA LYS A 276 -32.81 9.43 13.29
C LYS A 276 -33.14 7.99 12.95
N GLY A 283 -25.04 1.75 9.85
CA GLY A 283 -25.23 1.16 8.54
C GLY A 283 -24.40 1.82 7.46
N ALA A 284 -24.24 1.12 6.33
CA ALA A 284 -23.40 1.63 5.24
C ALA A 284 -24.02 2.86 4.58
N ARG A 285 -25.34 2.89 4.42
CA ARG A 285 -25.99 4.02 3.77
C ARG A 285 -25.96 5.26 4.66
N ALA A 286 -26.00 5.07 5.98
CA ALA A 286 -26.07 6.20 6.90
C ALA A 286 -24.81 7.07 6.80
N ILE A 287 -23.63 6.45 6.77
CA ILE A 287 -22.41 7.23 6.71
C ILE A 287 -22.30 7.95 5.38
N TRP A 288 -22.81 7.37 4.30
CA TRP A 288 -22.82 8.06 3.02
C TRP A 288 -23.69 9.30 3.08
N ARG A 289 -24.90 9.15 3.63
CA ARG A 289 -25.76 10.32 3.85
C ARG A 289 -25.05 11.38 4.68
N ALA A 290 -24.33 10.95 5.72
CA ALA A 290 -23.63 11.91 6.57
C ALA A 290 -22.55 12.65 5.81
N LEU A 291 -21.79 11.94 4.96
CA LEU A 291 -20.76 12.61 4.16
C LEU A 291 -21.39 13.68 3.26
N CYS A 292 -22.42 13.30 2.51
CA CYS A 292 -23.07 14.26 1.63
C CYS A 292 -23.58 15.46 2.43
N HIS A 293 -24.13 15.21 3.61
CA HIS A 293 -24.61 16.31 4.46
C HIS A 293 -23.46 17.23 4.87
N ALA A 294 -22.37 16.64 5.34
CA ALA A 294 -21.27 17.43 5.87
C ALA A 294 -20.58 18.36 4.89
N PHE A 295 -20.28 17.90 3.69
CA PHE A 295 -19.64 18.78 2.73
C PHE A 295 -20.62 19.89 2.37
N GLY A 296 -21.86 19.50 2.10
CA GLY A 296 -22.92 20.46 1.91
C GLY A 296 -22.85 21.55 0.86
N ARG A 297 -22.95 22.77 1.38
CA ARG A 297 -23.01 23.98 0.59
C ARG A 297 -21.80 24.14 -0.31
N ARG A 298 -20.61 23.79 0.16
CA ARG A 298 -19.45 23.93 -0.71
C ARG A 298 -19.61 23.05 -1.94
N LEU A 299 -20.04 21.81 -1.72
CA LEU A 299 -20.23 20.89 -2.83
C LEU A 299 -21.33 21.40 -3.76
N ILE A 300 -22.40 21.93 -3.18
CA ILE A 300 -23.50 22.44 -3.99
C ILE A 300 -23.05 23.61 -4.86
N LEU A 301 -22.23 24.48 -4.27
CA LEU A 301 -21.69 25.65 -4.94
C LEU A 301 -20.81 25.23 -6.09
N SER A 302 -20.02 24.18 -5.88
CA SER A 302 -19.15 23.71 -6.94
C SER A 302 -20.02 23.30 -8.12
N SER A 303 -21.14 22.67 -7.82
CA SER A 303 -22.05 22.23 -8.88
C SER A 303 -22.68 23.42 -9.60
N THR A 304 -23.06 24.46 -8.84
CA THR A 304 -23.65 25.64 -9.46
C THR A 304 -22.66 26.36 -10.37
N PHE A 305 -21.42 26.51 -9.90
CA PHE A 305 -20.38 27.10 -10.74
C PHE A 305 -20.23 26.30 -12.03
N ARG A 306 -20.22 24.97 -11.92
CA ARG A 306 -20.05 24.15 -13.11
C ARG A 306 -21.23 24.31 -14.07
N ILE A 307 -22.44 24.45 -13.54
CA ILE A 307 -23.61 24.60 -14.41
C ILE A 307 -23.58 25.94 -15.15
N LEU A 308 -23.20 27.01 -14.45
CA LEU A 308 -23.07 28.30 -15.12
C LEU A 308 -21.99 28.25 -16.19
N ALA A 309 -20.85 27.63 -15.85
CA ALA A 309 -19.80 27.46 -16.85
C ALA A 309 -20.31 26.68 -18.06
N ASP A 310 -21.17 25.69 -17.83
CA ASP A 310 -21.71 24.89 -18.93
C ASP A 310 -22.60 25.74 -19.84
N LEU A 311 -23.50 26.54 -19.25
CA LEU A 311 -24.36 27.38 -20.07
C LEU A 311 -23.54 28.35 -20.92
N LEU A 312 -22.48 28.94 -20.33
CA LEU A 312 -21.65 29.82 -21.15
C LEU A 312 -20.88 29.04 -22.23
N GLY A 313 -20.41 27.83 -21.89
CA GLY A 313 -19.75 27.00 -22.87
C GLY A 313 -20.62 26.69 -24.07
N PHE A 314 -21.91 26.49 -23.84
CA PHE A 314 -22.84 26.40 -24.96
C PHE A 314 -23.02 27.73 -25.65
N ALA A 315 -22.94 28.84 -24.90
CA ALA A 315 -23.18 30.15 -25.50
C ALA A 315 -22.15 30.47 -26.59
N GLY A 316 -20.91 30.04 -26.41
CA GLY A 316 -19.87 30.30 -27.39
C GLY A 316 -20.19 29.96 -28.85
N PRO A 317 -20.58 28.71 -29.10
CA PRO A 317 -20.94 28.33 -30.49
C PRO A 317 -22.01 29.22 -31.12
N LEU A 318 -22.93 29.76 -30.33
CA LEU A 318 -23.92 30.70 -30.85
C LEU A 318 -23.24 31.96 -31.40
N CYS A 319 -22.25 32.47 -30.68
CA CYS A 319 -21.47 33.59 -31.20
C CYS A 319 -20.77 33.20 -32.51
N ILE A 320 -20.29 31.96 -32.60
CA ILE A 320 -19.72 31.51 -33.88
C ILE A 320 -20.75 31.61 -35.00
N PHE A 321 -21.98 31.13 -34.73
CA PHE A 321 -23.05 31.20 -35.72
C PHE A 321 -23.25 32.64 -36.19
N GLY A 322 -23.34 33.57 -35.23
CA GLY A 322 -23.55 34.96 -35.60
C GLY A 322 -22.42 35.54 -36.44
N ILE A 323 -21.18 35.21 -36.07
CA ILE A 323 -20.03 35.72 -36.83
C ILE A 323 -20.07 35.21 -38.26
N VAL A 324 -20.34 33.92 -38.43
CA VAL A 324 -20.39 33.36 -39.78
C VAL A 324 -21.52 34.01 -40.58
N ASP A 325 -22.65 34.26 -39.93
CA ASP A 325 -23.77 34.87 -40.64
C ASP A 325 -23.43 36.29 -41.11
N HIS A 326 -22.80 37.09 -40.25
CA HIS A 326 -22.43 38.42 -40.72
C HIS A 326 -21.33 38.37 -41.76
N LEU A 327 -20.46 37.35 -41.70
CA LEU A 327 -19.47 37.18 -42.76
C LEU A 327 -20.14 36.87 -44.09
N GLY A 328 -21.24 36.12 -44.05
CA GLY A 328 -21.98 35.85 -45.27
C GLY A 328 -22.68 37.06 -45.84
N LYS A 329 -23.09 37.99 -44.98
CA LYS A 329 -23.77 39.21 -45.43
C LYS A 329 -22.77 40.21 -45.99
N ASN A 354 -22.27 44.70 -36.59
CA ASN A 354 -22.71 43.85 -35.49
C ASN A 354 -21.89 42.57 -35.45
N ALA A 355 -20.61 42.70 -35.80
CA ALA A 355 -19.71 41.56 -35.93
C ALA A 355 -18.54 41.62 -34.97
N TYR A 356 -17.87 42.77 -34.86
CA TYR A 356 -16.79 42.90 -33.88
C TYR A 356 -17.31 42.71 -32.47
N VAL A 357 -18.53 43.19 -32.23
CA VAL A 357 -19.18 42.95 -30.95
C VAL A 357 -19.27 41.45 -30.68
N LEU A 358 -19.53 40.65 -31.72
CA LEU A 358 -19.58 39.20 -31.54
C LEU A 358 -18.23 38.66 -31.11
N ALA A 359 -17.14 39.18 -31.68
CA ALA A 359 -15.80 38.72 -31.30
C ALA A 359 -15.48 39.08 -29.86
N VAL A 360 -15.75 40.33 -29.47
CA VAL A 360 -15.44 40.76 -28.11
C VAL A 360 -16.26 39.99 -27.08
N LEU A 361 -17.57 39.84 -27.36
CA LEU A 361 -18.46 39.11 -26.46
C LEU A 361 -18.05 37.64 -26.38
N LEU A 362 -17.64 37.04 -27.50
CA LEU A 362 -17.19 35.66 -27.49
C LEU A 362 -15.93 35.49 -26.64
N PHE A 363 -14.97 36.40 -26.80
CA PHE A 363 -13.76 36.37 -25.99
C PHE A 363 -14.09 36.45 -24.50
N LEU A 364 -14.94 37.42 -24.14
CA LEU A 364 -15.37 37.54 -22.74
C LEU A 364 -16.02 36.26 -22.25
N ALA A 365 -16.91 35.68 -23.06
CA ALA A 365 -17.61 34.47 -22.64
C ALA A 365 -16.64 33.33 -22.39
N LEU A 366 -15.70 33.12 -23.32
CA LEU A 366 -14.74 32.03 -23.17
C LEU A 366 -13.91 32.22 -21.89
N LEU A 367 -13.41 33.44 -21.67
CA LEU A 367 -12.66 33.72 -20.44
C LEU A 367 -13.49 33.39 -19.21
N LEU A 368 -14.76 33.81 -19.21
CA LEU A 368 -15.63 33.59 -18.05
C LEU A 368 -15.82 32.11 -17.78
N GLN A 369 -16.08 31.33 -18.84
CA GLN A 369 -16.23 29.89 -18.66
C GLN A 369 -14.98 29.28 -18.05
N ARG A 370 -13.82 29.69 -18.54
CA ARG A 370 -12.59 29.12 -18.00
C ARG A 370 -12.45 29.43 -16.53
N THR A 371 -12.68 30.69 -16.15
CA THR A 371 -12.57 31.08 -14.75
C THR A 371 -13.47 30.23 -13.88
N PHE A 372 -14.75 30.12 -14.25
CA PHE A 372 -15.69 29.42 -13.39
C PHE A 372 -15.44 27.90 -13.37
N LEU A 373 -15.00 27.32 -14.48
CA LEU A 373 -14.64 25.91 -14.49
C LEU A 373 -13.50 25.63 -13.51
N GLN A 374 -12.46 26.46 -13.56
CA GLN A 374 -11.32 26.22 -12.67
C GLN A 374 -11.71 26.42 -11.21
N ALA A 375 -12.57 27.42 -10.93
CA ALA A 375 -13.03 27.60 -9.56
C ALA A 375 -13.82 26.40 -9.07
N SER A 376 -14.67 25.83 -9.94
CA SER A 376 -15.43 24.63 -9.57
C SER A 376 -14.49 23.47 -9.25
N TYR A 377 -13.50 23.24 -10.11
CA TYR A 377 -12.51 22.19 -9.84
C TYR A 377 -11.82 22.41 -8.50
N TYR A 378 -11.43 23.66 -8.21
CA TYR A 378 -10.74 23.94 -6.95
C TYR A 378 -11.61 23.62 -5.75
N VAL A 379 -12.88 24.03 -5.78
CA VAL A 379 -13.72 23.81 -4.61
C VAL A 379 -14.04 22.33 -4.44
N ALA A 380 -14.18 21.60 -5.55
CA ALA A 380 -14.33 20.15 -5.45
C ALA A 380 -13.11 19.52 -4.78
N ILE A 381 -11.92 19.97 -5.16
CA ILE A 381 -10.70 19.45 -4.54
C ILE A 381 -10.66 19.77 -3.05
N GLU A 382 -11.09 20.97 -2.68
CA GLU A 382 -11.16 21.35 -1.27
C GLU A 382 -12.05 20.40 -0.49
N THR A 383 -13.26 20.19 -0.99
CA THR A 383 -14.17 19.27 -0.34
C THR A 383 -13.56 17.87 -0.22
N GLY A 384 -12.86 17.43 -1.27
CA GLY A 384 -12.26 16.10 -1.23
C GLY A 384 -11.16 15.96 -0.19
N ILE A 385 -10.29 16.95 -0.09
CA ILE A 385 -9.21 16.88 0.90
C ILE A 385 -9.77 16.92 2.31
N ASN A 386 -10.81 17.73 2.53
CA ASN A 386 -11.44 17.74 3.85
C ASN A 386 -12.09 16.39 4.16
N LEU A 387 -12.74 15.78 3.16
CA LEU A 387 -13.27 14.42 3.35
C LEU A 387 -12.17 13.46 3.77
N ARG A 388 -11.05 13.48 3.06
CA ARG A 388 -9.96 12.57 3.36
C ARG A 388 -9.49 12.75 4.80
N GLY A 389 -9.21 13.99 5.18
CA GLY A 389 -8.78 14.25 6.55
C GLY A 389 -9.77 13.74 7.58
N ALA A 390 -11.06 14.03 7.38
CA ALA A 390 -12.07 13.67 8.36
C ALA A 390 -12.20 12.16 8.51
N ILE A 391 -12.29 11.44 7.38
CA ILE A 391 -12.46 9.99 7.50
C ILE A 391 -11.18 9.34 8.01
N GLN A 392 -10.01 9.91 7.69
CA GLN A 392 -8.76 9.38 8.24
C GLN A 392 -8.76 9.47 9.77
N THR A 393 -9.07 10.64 10.31
CA THR A 393 -9.06 10.76 11.76
C THR A 393 -10.19 9.97 12.41
N LYS A 394 -11.33 9.81 11.71
CA LYS A 394 -12.40 9.01 12.26
C LYS A 394 -11.99 7.55 12.39
N ILE A 395 -11.39 6.98 11.34
CA ILE A 395 -10.97 5.59 11.42
C ILE A 395 -9.80 5.43 12.38
N TYR A 396 -8.95 6.45 12.53
CA TYR A 396 -7.88 6.32 13.50
C TYR A 396 -8.40 6.36 14.92
N ASN A 397 -9.44 7.17 15.19
CA ASN A 397 -10.06 7.14 16.51
C ASN A 397 -10.74 5.80 16.76
N LYS A 398 -11.35 5.22 15.73
CA LYS A 398 -12.04 3.95 15.92
C LYS A 398 -11.07 2.78 16.06
N ILE A 399 -9.86 2.89 15.51
CA ILE A 399 -8.88 1.82 15.71
C ILE A 399 -8.58 1.63 17.19
N MET A 400 -8.72 2.70 17.98
CA MET A 400 -8.48 2.62 19.42
C MET A 400 -9.45 1.65 20.08
N HIS A 401 -10.75 1.93 19.94
CA HIS A 401 -11.76 1.09 20.58
C HIS A 401 -11.85 -0.30 19.98
N LEU A 402 -11.15 -0.56 18.88
CA LEU A 402 -11.17 -1.89 18.29
C LEU A 402 -10.55 -2.90 19.24
N SER A 403 -11.19 -4.07 19.35
CA SER A 403 -10.70 -5.12 20.22
C SER A 403 -9.75 -6.05 19.47
N THR A 404 -8.78 -6.60 20.20
CA THR A 404 -7.79 -7.47 19.59
C THR A 404 -8.38 -8.79 19.12
N SER A 405 -9.59 -9.14 19.59
CA SER A 405 -10.25 -10.32 19.06
C SER A 405 -10.65 -10.14 17.60
N ASN A 406 -10.90 -8.90 17.18
CA ASN A 406 -11.02 -8.64 15.75
C ASN A 406 -9.66 -8.69 15.07
N LEU A 407 -8.64 -8.13 15.72
CA LEU A 407 -7.30 -8.13 15.15
C LEU A 407 -6.80 -9.54 14.87
N SER A 408 -7.20 -10.51 15.68
CA SER A 408 -6.86 -11.91 15.40
C SER A 408 -7.50 -12.40 14.12
N MET A 409 -8.70 -11.92 13.80
CA MET A 409 -9.40 -12.36 12.60
C MET A 409 -8.85 -11.64 11.37
N GLY A 410 -9.20 -12.18 10.19
CA GLY A 410 -8.69 -11.63 8.95
C GLY A 410 -9.26 -10.26 8.63
N GLU A 411 -10.44 -9.94 9.18
CA GLU A 411 -11.06 -8.66 8.88
C GLU A 411 -10.25 -7.48 9.40
N MET A 412 -9.66 -7.61 10.59
CA MET A 412 -8.83 -6.53 11.12
C MET A 412 -7.34 -6.79 10.92
N THR A 413 -6.96 -7.44 9.81
CA THR A 413 -5.55 -7.61 9.47
C THR A 413 -4.88 -6.25 9.33
N ALA A 414 -3.66 -6.14 9.86
CA ALA A 414 -2.94 -4.87 9.82
C ALA A 414 -2.74 -4.40 8.38
N GLY A 415 -2.27 -5.32 7.52
CA GLY A 415 -2.16 -5.00 6.10
C GLY A 415 -3.50 -4.58 5.51
N GLN A 416 -4.58 -5.23 5.93
CA GLN A 416 -5.91 -4.85 5.47
C GLN A 416 -6.26 -3.42 5.89
N ILE A 417 -5.90 -3.04 7.12
CA ILE A 417 -6.25 -1.72 7.63
C ILE A 417 -5.44 -0.64 6.92
N CYS A 418 -4.16 -0.90 6.65
CA CYS A 418 -3.36 0.10 5.94
C CYS A 418 -3.77 0.21 4.48
N ASN A 419 -4.10 -0.92 3.84
CA ASN A 419 -4.73 -0.87 2.53
C ASN A 419 -5.99 -0.02 2.57
N LEU A 420 -6.83 -0.22 3.60
CA LEU A 420 -8.01 0.61 3.80
C LEU A 420 -7.63 2.08 3.77
N VAL A 421 -6.75 2.51 4.67
CA VAL A 421 -6.39 3.93 4.76
C VAL A 421 -5.95 4.46 3.41
N ALA A 422 -4.93 3.83 2.81
CA ALA A 422 -4.32 4.37 1.59
C ALA A 422 -5.31 4.36 0.42
N ILE A 423 -5.78 3.17 0.03
CA ILE A 423 -6.61 3.09 -1.16
C ILE A 423 -7.94 3.78 -0.98
N ASP A 424 -8.44 3.94 0.25
CA ASP A 424 -9.73 4.61 0.42
C ASP A 424 -9.58 6.12 0.40
N THR A 425 -8.52 6.64 1.02
CA THR A 425 -8.10 8.00 0.73
C THR A 425 -8.17 8.25 -0.77
N ASN A 426 -7.47 7.40 -1.54
CA ASN A 426 -7.39 7.61 -2.99
C ASN A 426 -8.77 7.57 -3.64
N GLN A 427 -9.52 6.49 -3.42
CA GLN A 427 -10.77 6.27 -4.14
C GLN A 427 -11.81 7.32 -3.77
N LEU A 428 -11.98 7.60 -2.48
CA LEU A 428 -12.97 8.59 -2.08
C LEU A 428 -12.59 9.98 -2.58
N MET A 429 -11.30 10.32 -2.57
CA MET A 429 -10.89 11.63 -3.09
C MET A 429 -11.17 11.73 -4.59
N TRP A 430 -10.87 10.68 -5.36
CA TRP A 430 -11.08 10.75 -6.79
C TRP A 430 -12.57 10.80 -7.14
N PHE A 431 -13.40 10.02 -6.43
CA PHE A 431 -14.83 10.11 -6.67
C PHE A 431 -15.38 11.48 -6.29
N PHE A 432 -14.83 12.08 -5.23
CA PHE A 432 -15.33 13.38 -4.84
C PHE A 432 -14.76 14.51 -5.69
N PHE A 433 -13.76 14.23 -6.52
CA PHE A 433 -13.40 15.19 -7.55
C PHE A 433 -14.25 15.00 -8.80
N LEU A 434 -14.65 13.77 -9.11
CA LEU A 434 -15.42 13.50 -10.32
C LEU A 434 -16.93 13.63 -10.13
N CYS A 435 -17.42 13.75 -8.90
CA CYS A 435 -18.86 13.84 -8.65
C CYS A 435 -19.44 15.19 -9.06
N PRO A 436 -18.79 16.32 -8.75
CA PRO A 436 -19.28 17.59 -9.30
C PRO A 436 -19.28 17.63 -10.82
N ASN A 437 -18.37 16.89 -11.46
CA ASN A 437 -18.33 16.87 -12.92
C ASN A 437 -19.56 16.19 -13.51
N LEU A 438 -20.04 15.13 -12.85
CA LEU A 438 -21.23 14.44 -13.33
C LEU A 438 -22.53 15.07 -12.84
N TRP A 439 -22.49 15.87 -11.77
CA TRP A 439 -23.70 16.59 -11.38
C TRP A 439 -24.02 17.74 -12.35
N ALA A 440 -23.30 17.85 -13.46
CA ALA A 440 -23.59 18.81 -14.51
C ALA A 440 -23.79 18.20 -15.88
N MET A 441 -23.57 16.88 -16.04
CA MET A 441 -23.88 16.23 -17.30
C MET A 441 -25.36 16.33 -17.67
N PRO A 442 -26.34 16.07 -16.78
CA PRO A 442 -27.75 16.16 -17.22
C PRO A 442 -28.15 17.55 -17.70
N VAL A 443 -27.87 18.59 -16.93
CA VAL A 443 -28.22 19.95 -17.34
C VAL A 443 -27.52 20.29 -18.66
N GLN A 444 -26.28 19.85 -18.80
CA GLN A 444 -25.53 20.12 -20.04
C GLN A 444 -26.23 19.52 -21.24
N ILE A 445 -26.60 18.23 -21.17
CA ILE A 445 -27.20 17.60 -22.34
C ILE A 445 -28.59 18.20 -22.62
N ILE A 446 -29.34 18.53 -21.57
CA ILE A 446 -30.66 19.14 -21.77
C ILE A 446 -30.52 20.47 -22.51
N VAL A 447 -29.62 21.33 -22.04
CA VAL A 447 -29.43 22.61 -22.72
C VAL A 447 -28.91 22.41 -24.13
N GLY A 448 -28.10 21.37 -24.34
CA GLY A 448 -27.62 21.08 -25.70
C GLY A 448 -28.77 20.82 -26.66
N VAL A 449 -29.72 19.98 -26.23
CA VAL A 449 -30.80 19.68 -27.17
C VAL A 449 -31.75 20.87 -27.32
N ILE A 450 -32.00 21.61 -26.24
CA ILE A 450 -32.88 22.77 -26.37
C ILE A 450 -32.24 23.87 -27.21
N LEU A 451 -30.91 23.85 -27.36
CA LEU A 451 -30.26 24.79 -28.25
C LEU A 451 -30.26 24.29 -29.69
N LEU A 452 -30.09 22.98 -29.89
CA LEU A 452 -30.01 22.46 -31.25
C LEU A 452 -31.36 22.37 -31.94
N TYR A 453 -32.47 22.39 -31.20
CA TYR A 453 -33.77 22.51 -31.85
C TYR A 453 -33.83 23.78 -32.70
N TYR A 454 -33.53 24.94 -32.10
CA TYR A 454 -33.62 26.22 -32.79
C TYR A 454 -32.64 26.35 -33.95
N ILE A 455 -31.71 25.41 -34.10
CA ILE A 455 -30.72 25.46 -35.16
C ILE A 455 -31.01 24.44 -36.26
N LEU A 456 -31.52 23.27 -35.89
CA LEU A 456 -31.84 22.25 -36.88
C LEU A 456 -33.21 22.49 -37.49
N GLY A 457 -34.24 22.66 -36.66
CA GLY A 457 -35.60 22.82 -37.15
C GLY A 457 -36.32 21.48 -37.18
N VAL A 458 -36.93 21.16 -38.33
CA VAL A 458 -37.58 19.87 -38.49
C VAL A 458 -36.59 18.72 -38.58
N SER A 459 -35.31 19.03 -38.78
CA SER A 459 -34.25 18.02 -38.86
C SER A 459 -33.71 17.64 -37.48
N ALA A 460 -34.41 18.01 -36.41
CA ALA A 460 -33.97 17.60 -35.07
C ALA A 460 -34.18 16.12 -34.83
N LEU A 461 -35.22 15.53 -35.46
CA LEU A 461 -35.61 14.14 -35.19
C LEU A 461 -34.42 13.20 -35.24
N ILE A 462 -33.53 13.38 -36.22
CA ILE A 462 -32.44 12.42 -36.39
C ILE A 462 -31.48 12.48 -35.21
N GLY A 463 -31.01 13.68 -34.87
CA GLY A 463 -30.11 13.81 -33.73
C GLY A 463 -30.76 13.39 -32.42
N ALA A 464 -32.06 13.70 -32.26
CA ALA A 464 -32.77 13.30 -31.06
C ALA A 464 -32.87 11.78 -30.95
N ALA A 465 -33.20 11.11 -32.06
CA ALA A 465 -33.23 9.66 -32.06
C ALA A 465 -31.86 9.07 -31.77
N VAL A 466 -30.80 9.71 -32.25
CA VAL A 466 -29.44 9.22 -31.98
C VAL A 466 -29.12 9.32 -30.50
N ILE A 467 -29.35 10.51 -29.91
CA ILE A 467 -28.97 10.70 -28.50
C ILE A 467 -29.98 10.08 -27.54
N ILE A 468 -31.10 9.56 -28.03
CA ILE A 468 -31.96 8.72 -27.21
C ILE A 468 -31.60 7.24 -27.34
N LEU A 469 -31.19 6.81 -28.55
CA LEU A 469 -30.70 5.45 -28.76
C LEU A 469 -29.35 5.22 -28.07
N LEU A 470 -28.61 6.29 -27.81
CA LEU A 470 -27.34 6.16 -27.11
C LEU A 470 -27.54 5.67 -25.67
N ALA A 471 -28.53 6.22 -24.97
CA ALA A 471 -28.60 6.07 -23.51
C ALA A 471 -28.79 4.62 -23.03
N PRO A 472 -29.78 3.86 -23.50
CA PRO A 472 -30.02 2.55 -22.85
C PRO A 472 -28.92 1.52 -23.11
N VAL A 473 -28.38 1.50 -24.33
CA VAL A 473 -27.26 0.60 -24.61
C VAL A 473 -26.06 0.96 -23.76
N GLN A 474 -25.85 2.27 -23.51
CA GLN A 474 -24.78 2.71 -22.61
C GLN A 474 -25.04 2.25 -21.19
N TYR A 475 -26.30 2.27 -20.74
CA TYR A 475 -26.63 1.79 -19.41
C TYR A 475 -26.29 0.30 -19.28
N PHE A 476 -26.67 -0.49 -20.28
CA PHE A 476 -26.38 -1.93 -20.23
C PHE A 476 -24.87 -2.20 -20.26
N VAL A 477 -24.14 -1.43 -21.08
CA VAL A 477 -22.68 -1.58 -21.15
C VAL A 477 -22.05 -1.25 -19.80
N ALA A 478 -22.53 -0.18 -19.15
CA ALA A 478 -21.98 0.19 -17.85
C ALA A 478 -22.26 -0.88 -16.80
N THR A 479 -23.43 -1.51 -16.86
CA THR A 479 -23.72 -2.62 -15.95
C THR A 479 -22.74 -3.77 -16.15
N LYS A 480 -22.60 -4.21 -17.41
CA LYS A 480 -21.66 -5.30 -17.71
C LYS A 480 -20.23 -4.95 -17.30
N LEU A 481 -19.91 -3.65 -17.26
CA LEU A 481 -18.58 -3.21 -16.82
C LEU A 481 -18.43 -3.31 -15.30
N SER A 482 -19.39 -2.76 -14.56
CA SER A 482 -19.31 -2.76 -13.11
C SER A 482 -19.21 -4.18 -12.56
N GLN A 483 -19.91 -5.12 -13.19
CA GLN A 483 -19.88 -6.49 -12.67
C GLN A 483 -18.47 -7.07 -12.70
N ALA A 484 -17.72 -6.84 -13.78
CA ALA A 484 -16.34 -7.28 -13.81
C ALA A 484 -15.49 -6.53 -12.79
N GLN A 485 -15.72 -5.23 -12.64
CA GLN A 485 -14.81 -4.43 -11.83
C GLN A 485 -14.86 -4.84 -10.35
N ARG A 486 -16.04 -5.18 -9.84
CA ARG A 486 -16.11 -5.52 -8.41
C ARG A 486 -15.32 -6.79 -8.10
N SER A 487 -15.49 -7.83 -8.93
CA SER A 487 -14.70 -9.05 -8.74
C SER A 487 -13.20 -8.76 -8.90
N THR A 488 -12.85 -7.86 -9.82
CA THR A 488 -11.46 -7.41 -9.92
C THR A 488 -10.94 -6.94 -8.57
N LEU A 489 -11.71 -6.09 -7.90
CA LEU A 489 -11.26 -5.55 -6.61
C LEU A 489 -11.10 -6.66 -5.58
N GLU A 490 -12.04 -7.60 -5.53
CA GLU A 490 -11.92 -8.71 -4.57
C GLU A 490 -10.62 -9.49 -4.79
N HIS A 491 -10.33 -9.81 -6.05
CA HIS A 491 -9.14 -10.61 -6.35
C HIS A 491 -7.85 -9.86 -6.02
N SER A 492 -7.80 -8.57 -6.35
CA SER A 492 -6.61 -7.78 -6.02
C SER A 492 -6.43 -7.69 -4.51
N ASN A 493 -7.54 -7.60 -3.77
CA ASN A 493 -7.46 -7.51 -2.32
C ASN A 493 -6.90 -8.79 -1.72
N GLU A 494 -7.25 -9.95 -2.29
CA GLU A 494 -6.62 -11.16 -1.77
C GLU A 494 -5.17 -11.29 -2.21
N ARG A 495 -4.84 -10.83 -3.42
CA ARG A 495 -3.45 -10.87 -3.87
C ARG A 495 -2.55 -10.05 -2.97
N LEU A 496 -3.04 -8.90 -2.48
CA LEU A 496 -2.21 -8.07 -1.63
C LEU A 496 -1.88 -8.74 -0.31
N LYS A 497 -2.85 -9.45 0.28
CA LYS A 497 -2.56 -10.16 1.53
C LYS A 497 -1.63 -11.35 1.29
N GLN A 498 -1.77 -12.01 0.13
CA GLN A 498 -0.83 -13.08 -0.20
C GLN A 498 0.59 -12.54 -0.33
N THR A 499 0.75 -11.36 -0.94
CA THR A 499 2.06 -10.74 -1.03
C THR A 499 2.60 -10.34 0.34
N ASN A 500 1.74 -9.79 1.21
CA ASN A 500 2.16 -9.43 2.55
C ASN A 500 2.71 -10.63 3.31
N GLU A 501 1.97 -11.74 3.28
CA GLU A 501 2.43 -12.95 3.96
C GLU A 501 3.53 -13.68 3.20
N MET A 502 3.81 -13.27 1.95
CA MET A 502 4.96 -13.80 1.23
C MET A 502 6.25 -13.04 1.51
N LEU A 503 6.18 -11.73 1.74
CA LEU A 503 7.39 -10.93 1.87
C LEU A 503 7.96 -10.92 3.29
N ARG A 504 7.09 -10.93 4.31
CA ARG A 504 7.59 -10.95 5.69
C ARG A 504 8.17 -12.30 6.08
N GLY A 505 8.18 -13.27 5.18
CA GLY A 505 8.77 -14.57 5.47
C GLY A 505 9.64 -15.08 4.34
N MET A 506 10.25 -14.17 3.57
CA MET A 506 11.11 -14.59 2.47
C MET A 506 12.33 -15.36 2.97
N LYS A 507 12.75 -15.11 4.21
CA LYS A 507 13.86 -15.87 4.78
C LYS A 507 13.50 -17.35 4.88
N LEU A 508 12.44 -17.66 5.62
CA LEU A 508 12.00 -19.05 5.74
C LEU A 508 11.56 -19.62 4.40
N LEU A 509 11.06 -18.77 3.49
CA LEU A 509 10.65 -19.26 2.18
C LEU A 509 11.85 -19.74 1.37
N LYS A 510 12.88 -18.91 1.25
CA LYS A 510 14.08 -19.28 0.52
C LYS A 510 14.93 -20.30 1.27
N LEU A 511 14.67 -20.51 2.57
CA LEU A 511 15.51 -21.43 3.33
C LEU A 511 15.43 -22.84 2.79
N TYR A 512 14.22 -23.41 2.74
CA TYR A 512 14.04 -24.71 2.10
C TYR A 512 13.23 -24.62 0.81
N ALA A 513 13.17 -23.44 0.21
CA ALA A 513 12.75 -23.25 -1.17
C ALA A 513 11.34 -23.79 -1.41
N TRP A 514 10.37 -23.16 -0.74
CA TRP A 514 8.97 -23.33 -1.07
C TRP A 514 8.48 -22.30 -2.07
N GLU A 515 9.40 -21.69 -2.83
CA GLU A 515 9.07 -20.54 -3.66
C GLU A 515 8.04 -20.92 -4.73
N SER A 516 8.26 -22.03 -5.42
CA SER A 516 7.41 -22.39 -6.56
C SER A 516 5.94 -22.41 -6.19
N ILE A 517 5.61 -22.91 -5.00
CA ILE A 517 4.21 -23.01 -4.59
C ILE A 517 3.57 -21.64 -4.46
N PHE A 518 4.20 -20.76 -3.67
CA PHE A 518 3.64 -19.42 -3.46
C PHE A 518 3.62 -18.62 -4.76
N CYS A 519 4.65 -18.80 -5.59
CA CYS A 519 4.71 -18.06 -6.85
C CYS A 519 3.63 -18.53 -7.82
N SER A 520 3.36 -19.84 -7.88
CA SER A 520 2.28 -20.33 -8.70
C SER A 520 0.92 -19.89 -8.17
N ARG A 521 0.77 -19.80 -6.84
CA ARG A 521 -0.49 -19.30 -6.29
C ARG A 521 -0.71 -17.83 -6.65
N VAL A 522 0.33 -17.00 -6.51
CA VAL A 522 0.20 -15.60 -6.89
C VAL A 522 -0.01 -15.48 -8.41
N GLU A 523 0.58 -16.40 -9.19
CA GLU A 523 0.36 -16.38 -10.63
C GLU A 523 -1.09 -16.72 -10.96
N VAL A 524 -1.68 -17.69 -10.26
CA VAL A 524 -3.09 -18.03 -10.49
C VAL A 524 -3.99 -16.87 -10.12
N THR A 525 -3.72 -16.23 -8.97
CA THR A 525 -4.50 -15.06 -8.58
C THR A 525 -4.34 -13.94 -9.61
N ARG A 526 -3.13 -13.78 -10.14
CA ARG A 526 -2.90 -12.76 -11.17
C ARG A 526 -3.66 -13.09 -12.45
N ARG A 527 -3.75 -14.38 -12.79
CA ARG A 527 -4.51 -14.78 -13.97
C ARG A 527 -6.00 -14.49 -13.82
N LYS A 528 -6.55 -14.76 -12.63
CA LYS A 528 -7.96 -14.42 -12.40
C LYS A 528 -8.20 -12.92 -12.46
N GLU A 529 -7.32 -12.14 -11.80
CA GLU A 529 -7.40 -10.69 -11.89
C GLU A 529 -7.29 -10.22 -13.34
N MET A 530 -6.44 -10.86 -14.13
CA MET A 530 -6.27 -10.51 -15.53
C MET A 530 -7.51 -10.85 -16.36
N THR A 531 -8.20 -11.94 -16.02
CA THR A 531 -9.48 -12.21 -16.65
C THR A 531 -10.47 -11.07 -16.41
N SER A 532 -10.58 -10.65 -15.15
CA SER A 532 -11.42 -9.50 -14.85
C SER A 532 -10.99 -8.27 -15.64
N LEU A 533 -9.68 -8.01 -15.71
CA LEU A 533 -9.19 -6.81 -16.40
C LEU A 533 -9.47 -6.87 -17.90
N ARG A 534 -9.31 -8.05 -18.51
CA ARG A 534 -9.52 -8.14 -19.95
C ARG A 534 -11.00 -8.00 -20.30
N ALA A 535 -11.89 -8.52 -19.44
CA ALA A 535 -13.32 -8.25 -19.63
C ALA A 535 -13.59 -6.74 -19.58
N PHE A 536 -13.04 -6.07 -18.55
CA PHE A 536 -13.21 -4.63 -18.43
C PHE A 536 -12.69 -3.89 -19.65
N ALA A 537 -11.54 -4.32 -20.17
CA ALA A 537 -10.91 -3.61 -21.29
C ALA A 537 -11.70 -3.80 -22.58
N VAL A 538 -12.18 -5.01 -22.84
CA VAL A 538 -13.01 -5.22 -24.03
C VAL A 538 -14.29 -4.39 -23.94
N TYR A 539 -14.88 -4.31 -22.74
CA TYR A 539 -16.10 -3.52 -22.62
C TYR A 539 -15.83 -2.03 -22.83
N THR A 540 -14.71 -1.53 -22.31
CA THR A 540 -14.39 -0.12 -22.54
C THR A 540 -14.09 0.16 -24.00
N SER A 541 -13.47 -0.79 -24.71
CA SER A 541 -13.23 -0.62 -26.14
C SER A 541 -14.55 -0.53 -26.91
N ILE A 542 -15.49 -1.42 -26.59
CA ILE A 542 -16.82 -1.34 -27.22
C ILE A 542 -17.49 0.00 -26.89
N SER A 543 -17.30 0.48 -25.66
CA SER A 543 -17.87 1.76 -25.26
C SER A 543 -17.34 2.90 -26.12
N ILE A 544 -16.01 2.96 -26.32
CA ILE A 544 -15.43 4.03 -27.12
C ILE A 544 -15.87 3.89 -28.58
N PHE A 545 -15.94 2.65 -29.09
CA PHE A 545 -16.45 2.43 -30.44
C PHE A 545 -17.84 3.03 -30.61
N MET A 546 -18.73 2.77 -29.68
CA MET A 546 -20.09 3.31 -29.78
C MET A 546 -20.06 4.84 -29.68
N ASN A 547 -19.36 5.36 -28.68
CA ASN A 547 -19.27 6.80 -28.44
C ASN A 547 -18.61 7.57 -29.57
N THR A 548 -17.96 6.89 -30.52
CA THR A 548 -17.57 7.56 -31.74
C THR A 548 -18.48 7.26 -32.92
N ALA A 549 -18.96 6.02 -33.06
CA ALA A 549 -19.68 5.63 -34.27
C ALA A 549 -21.08 6.25 -34.32
N ILE A 550 -21.79 6.24 -33.19
CA ILE A 550 -23.12 6.88 -33.14
C ILE A 550 -23.03 8.37 -33.44
N PRO A 551 -22.07 9.12 -32.87
CA PRO A 551 -21.97 10.55 -33.21
C PRO A 551 -21.79 10.86 -34.69
N ILE A 552 -20.86 10.19 -35.37
CA ILE A 552 -20.57 10.51 -36.77
C ILE A 552 -21.78 10.20 -37.64
N ALA A 553 -22.41 9.05 -37.40
CA ALA A 553 -23.64 8.71 -38.12
C ALA A 553 -24.70 9.78 -37.89
N ALA A 554 -24.83 10.28 -36.65
CA ALA A 554 -25.81 11.32 -36.36
C ALA A 554 -25.57 12.55 -37.22
N VAL A 555 -24.33 13.06 -37.22
CA VAL A 555 -24.01 14.27 -37.98
C VAL A 555 -24.35 14.07 -39.45
N LEU A 556 -23.85 12.97 -40.03
CA LEU A 556 -24.09 12.66 -41.44
C LEU A 556 -25.58 12.65 -41.76
N ILE A 557 -26.36 11.91 -40.97
CA ILE A 557 -27.78 11.76 -41.25
C ILE A 557 -28.48 13.11 -41.19
N THR A 558 -28.21 13.89 -40.14
CA THR A 558 -28.91 15.17 -39.97
C THR A 558 -28.63 16.09 -41.16
N PHE A 559 -27.36 16.22 -41.55
CA PHE A 559 -27.05 17.14 -42.64
C PHE A 559 -27.68 16.67 -43.96
N VAL A 560 -27.49 15.40 -44.30
CA VAL A 560 -28.05 14.87 -45.54
C VAL A 560 -29.57 15.07 -45.56
N GLY A 561 -30.22 14.86 -44.43
CA GLY A 561 -31.66 15.05 -44.36
C GLY A 561 -32.06 16.49 -44.62
N HIS A 562 -31.30 17.45 -44.07
CA HIS A 562 -31.69 18.84 -44.26
C HIS A 562 -31.52 19.29 -45.71
N VAL A 563 -30.41 18.93 -46.36
CA VAL A 563 -30.12 19.54 -47.66
C VAL A 563 -31.12 19.11 -48.74
N SER A 564 -31.30 17.80 -48.92
CA SER A 564 -32.06 17.26 -50.05
C SER A 564 -33.25 16.39 -49.67
N PHE A 565 -33.28 15.84 -48.46
CA PHE A 565 -34.35 14.89 -48.12
C PHE A 565 -35.69 15.60 -48.00
N PHE A 566 -35.81 16.56 -47.07
CA PHE A 566 -37.11 17.20 -46.97
C PHE A 566 -37.07 18.73 -46.94
N LYS A 567 -36.06 19.31 -46.27
CA LYS A 567 -36.25 20.65 -45.70
C LYS A 567 -36.38 21.73 -46.76
N GLU A 568 -35.64 21.61 -47.87
CA GLU A 568 -35.65 22.57 -48.97
C GLU A 568 -35.17 23.97 -48.57
N SER A 569 -34.65 24.13 -47.35
CA SER A 569 -34.03 25.37 -46.91
C SER A 569 -32.53 25.14 -46.87
N ASP A 570 -31.80 25.83 -47.75
CA ASP A 570 -30.36 25.61 -47.85
C ASP A 570 -29.67 25.94 -46.54
N LEU A 571 -29.00 24.95 -45.96
CA LEU A 571 -28.28 25.17 -44.69
C LEU A 571 -27.11 26.11 -44.96
N SER A 572 -27.26 27.35 -44.50
CA SER A 572 -26.13 28.26 -44.53
C SER A 572 -25.00 27.68 -43.68
N PRO A 573 -23.74 27.90 -44.09
CA PRO A 573 -22.61 27.30 -43.37
C PRO A 573 -22.60 27.59 -41.87
N SER A 574 -23.19 28.71 -41.46
CA SER A 574 -23.27 29.04 -40.04
C SER A 574 -23.98 27.95 -39.26
N VAL A 575 -25.13 27.50 -39.78
CA VAL A 575 -25.88 26.43 -39.12
C VAL A 575 -25.03 25.17 -39.02
N ALA A 576 -24.32 24.83 -40.10
CA ALA A 576 -23.49 23.63 -40.13
C ALA A 576 -22.42 23.66 -39.05
N PHE A 577 -21.66 24.74 -39.01
CA PHE A 577 -20.54 24.80 -38.06
C PHE A 577 -21.02 24.92 -36.63
N ALA A 578 -22.11 25.66 -36.39
CA ALA A 578 -22.66 25.74 -35.04
C ALA A 578 -23.16 24.38 -34.57
N SER A 579 -23.77 23.61 -35.48
CA SER A 579 -24.20 22.26 -35.13
C SER A 579 -23.00 21.38 -34.78
N LEU A 580 -21.93 21.46 -35.58
CA LEU A 580 -20.74 20.68 -35.27
C LEU A 580 -20.17 21.05 -33.91
N SER A 581 -20.17 22.34 -33.58
CA SER A 581 -19.65 22.78 -32.29
C SER A 581 -20.47 22.25 -31.13
N LEU A 582 -21.79 22.50 -31.15
CA LEU A 582 -22.66 21.99 -30.10
C LEU A 582 -22.55 20.48 -29.97
N PHE A 583 -22.40 19.80 -31.10
CA PHE A 583 -22.31 18.35 -31.12
C PHE A 583 -21.04 17.86 -30.43
N HIS A 584 -19.91 18.52 -30.70
CA HIS A 584 -18.66 18.18 -30.03
C HIS A 584 -18.77 18.40 -28.51
N ILE A 585 -19.39 19.52 -28.12
CA ILE A 585 -19.61 19.79 -26.70
C ILE A 585 -20.44 18.67 -26.08
N LEU A 586 -21.43 18.16 -26.81
CA LEU A 586 -22.23 17.05 -26.29
C LEU A 586 -21.41 15.76 -26.22
N VAL A 587 -20.49 15.57 -27.17
CA VAL A 587 -19.76 14.31 -27.25
C VAL A 587 -18.80 14.16 -26.08
N THR A 588 -18.14 15.25 -25.67
CA THR A 588 -17.11 15.13 -24.64
C THR A 588 -17.60 14.45 -23.36
N PRO A 589 -18.77 14.79 -22.77
CA PRO A 589 -19.16 14.09 -21.53
C PRO A 589 -19.34 12.59 -21.66
N LEU A 590 -19.80 12.10 -22.82
CA LEU A 590 -20.09 10.66 -22.96
C LEU A 590 -18.82 9.83 -22.82
N PHE A 591 -17.73 10.26 -23.46
CA PHE A 591 -16.45 9.58 -23.28
C PHE A 591 -16.02 9.58 -21.82
N LEU A 592 -16.31 10.67 -21.11
CA LEU A 592 -15.87 10.82 -19.72
C LEU A 592 -16.60 9.87 -18.79
N LEU A 593 -17.90 9.67 -19.00
CA LEU A 593 -18.71 8.93 -18.03
C LEU A 593 -18.25 7.48 -17.93
N SER A 594 -17.69 6.93 -19.02
CA SER A 594 -17.19 5.56 -18.97
C SER A 594 -16.03 5.43 -17.99
N SER A 595 -15.10 6.39 -18.00
CA SER A 595 -14.04 6.41 -17.00
C SER A 595 -14.61 6.69 -15.60
N VAL A 596 -15.70 7.45 -15.52
CA VAL A 596 -16.26 7.82 -14.22
C VAL A 596 -16.76 6.58 -13.48
N VAL A 597 -17.32 5.61 -14.20
CA VAL A 597 -17.84 4.39 -13.56
C VAL A 597 -16.72 3.67 -12.81
N ARG A 598 -15.50 3.70 -13.35
CA ARG A 598 -14.37 3.06 -12.70
C ARG A 598 -14.12 3.62 -11.31
N SER A 599 -14.24 4.94 -11.15
CA SER A 599 -14.11 5.53 -9.81
C SER A 599 -15.39 5.37 -9.00
N THR A 600 -16.55 5.28 -9.65
CA THR A 600 -17.82 5.25 -8.94
C THR A 600 -18.02 3.93 -8.20
N VAL A 601 -17.88 2.81 -8.90
CA VAL A 601 -18.00 1.51 -8.23
C VAL A 601 -16.89 1.35 -7.20
N LYS A 602 -15.74 1.97 -7.43
CA LYS A 602 -14.66 1.89 -6.45
C LYS A 602 -15.00 2.67 -5.19
N ALA A 603 -15.63 3.84 -5.34
CA ALA A 603 -16.09 4.57 -4.16
C ALA A 603 -17.15 3.79 -3.40
N LEU A 604 -18.07 3.17 -4.14
CA LEU A 604 -19.09 2.33 -3.50
C LEU A 604 -18.45 1.20 -2.69
N VAL A 605 -17.49 0.50 -3.31
CA VAL A 605 -16.82 -0.61 -2.63
C VAL A 605 -16.03 -0.11 -1.42
N SER A 606 -15.36 1.04 -1.56
CA SER A 606 -14.57 1.57 -0.46
C SER A 606 -15.45 1.94 0.72
N VAL A 607 -16.63 2.50 0.46
CA VAL A 607 -17.49 2.86 1.57
C VAL A 607 -18.12 1.62 2.21
N GLN A 608 -18.48 0.63 1.39
CA GLN A 608 -18.95 -0.63 1.97
C GLN A 608 -17.89 -1.23 2.89
N LYS A 609 -16.63 -1.24 2.44
CA LYS A 609 -15.54 -1.73 3.27
C LYS A 609 -15.38 -0.88 4.53
N LEU A 610 -15.47 0.44 4.40
CA LEU A 610 -15.31 1.32 5.55
C LEU A 610 -16.42 1.11 6.57
N SER A 611 -17.64 0.84 6.10
CA SER A 611 -18.75 0.62 7.02
C SER A 611 -18.66 -0.74 7.70
N GLU A 612 -18.21 -1.76 6.97
CA GLU A 612 -17.96 -3.04 7.63
C GLU A 612 -16.82 -2.93 8.63
N PHE A 613 -15.86 -2.04 8.38
CA PHE A 613 -14.77 -1.84 9.34
C PHE A 613 -15.25 -1.10 10.58
N LEU A 614 -16.14 -0.10 10.40
CA LEU A 614 -16.68 0.60 11.55
C LEU A 614 -17.58 -0.30 12.40
N SER A 615 -18.13 -1.36 11.81
CA SER A 615 -19.03 -2.26 12.51
C SER A 615 -18.30 -3.37 13.26
N SER A 616 -17.01 -3.21 13.54
CA SER A 616 -16.29 -4.20 14.31
C SER A 616 -16.64 -4.06 15.79
N ALA A 617 -16.17 -5.04 16.58
CA ALA A 617 -16.53 -5.11 17.98
C ALA A 617 -15.84 -4.00 18.78
N GLU A 618 -16.61 -3.34 19.63
CA GLU A 618 -16.12 -2.26 20.48
C GLU A 618 -15.26 -2.84 21.61
N ILE A 619 -14.70 -1.94 22.43
CA ILE A 619 -14.13 -2.30 23.72
C ILE A 619 -15.15 -1.94 24.80
N ARG A 620 -15.27 -2.79 25.80
CA ARG A 620 -16.33 -2.65 26.80
C ARG A 620 -15.85 -1.76 27.93
N GLU A 621 -16.60 -0.68 28.20
CA GLU A 621 -16.27 0.21 29.30
C GLU A 621 -16.60 -0.45 30.63
N GLU A 622 -15.72 -0.24 31.61
CA GLU A 622 -15.89 -0.81 32.94
C GLU A 622 -17.11 -0.22 33.64
N CYS A 678 -2.80 -2.89 45.59
CA CYS A 678 -2.70 -4.29 45.17
C CYS A 678 -3.68 -4.59 44.05
N VAL A 679 -3.28 -5.45 43.11
CA VAL A 679 -4.13 -5.85 41.99
C VAL A 679 -4.99 -7.03 42.43
N GLN A 680 -6.31 -6.85 42.38
CA GLN A 680 -7.25 -7.82 42.92
C GLN A 680 -8.12 -8.40 41.82
N ILE A 681 -8.33 -9.72 41.87
CA ILE A 681 -9.19 -10.41 40.92
C ILE A 681 -9.99 -11.46 41.69
N ILE A 682 -11.31 -11.38 41.60
CA ILE A 682 -12.22 -12.34 42.21
C ILE A 682 -13.21 -12.80 41.15
N GLY A 683 -13.17 -14.09 40.83
CA GLY A 683 -14.12 -14.70 39.90
C GLY A 683 -13.83 -14.47 38.43
N GLY A 684 -12.63 -14.82 37.98
CA GLY A 684 -12.25 -14.54 36.60
C GLY A 684 -13.01 -15.41 35.61
N PHE A 685 -13.52 -14.79 34.54
CA PHE A 685 -14.31 -15.51 33.55
C PHE A 685 -14.40 -14.68 32.28
N PHE A 686 -13.76 -15.13 31.19
CA PHE A 686 -13.90 -14.45 29.91
C PHE A 686 -13.44 -15.37 28.78
N THR A 687 -13.94 -15.06 27.58
CA THR A 687 -13.59 -15.77 26.36
C THR A 687 -13.37 -14.76 25.24
N TRP A 688 -12.83 -15.24 24.12
CA TRP A 688 -12.44 -14.39 23.00
C TRP A 688 -13.51 -14.29 21.93
N THR A 689 -14.75 -13.96 22.29
CA THR A 689 -15.85 -13.72 21.35
C THR A 689 -17.05 -13.14 22.09
N PRO A 690 -18.03 -12.57 21.38
CA PRO A 690 -19.30 -12.23 22.05
C PRO A 690 -20.01 -13.44 22.66
N ASP A 691 -19.74 -14.65 22.15
CA ASP A 691 -20.32 -15.87 22.70
C ASP A 691 -19.47 -17.05 22.28
N GLY A 692 -19.15 -17.92 23.23
CA GLY A 692 -18.35 -19.10 22.93
C GLY A 692 -17.85 -19.73 24.20
N ILE A 693 -17.26 -20.91 24.03
CA ILE A 693 -16.69 -21.63 25.18
C ILE A 693 -15.48 -20.87 25.69
N PRO A 694 -15.30 -20.75 27.01
CA PRO A 694 -14.26 -19.87 27.54
C PRO A 694 -12.93 -20.58 27.80
N THR A 695 -11.90 -19.75 27.97
CA THR A 695 -10.61 -20.19 28.45
C THR A 695 -10.23 -19.60 29.81
N LEU A 696 -10.88 -18.53 30.23
CA LEU A 696 -10.70 -17.94 31.55
C LEU A 696 -11.82 -18.43 32.45
N SER A 697 -11.48 -19.16 33.51
CA SER A 697 -12.48 -19.80 34.37
C SER A 697 -12.03 -19.74 35.83
N ASN A 698 -12.76 -18.97 36.63
CA ASN A 698 -12.65 -19.00 38.09
C ASN A 698 -11.23 -18.69 38.55
N ILE A 699 -10.77 -17.49 38.24
CA ILE A 699 -9.44 -17.02 38.62
C ILE A 699 -9.57 -16.06 39.78
N THR A 700 -8.82 -16.32 40.85
CA THR A 700 -8.78 -15.47 42.04
C THR A 700 -7.32 -15.21 42.37
N ILE A 701 -6.95 -13.94 42.47
CA ILE A 701 -5.54 -13.60 42.64
C ILE A 701 -5.42 -12.24 43.31
N ARG A 702 -4.51 -12.14 44.27
CA ARG A 702 -4.17 -10.90 44.95
C ARG A 702 -2.69 -10.59 44.73
N ILE A 703 -2.40 -9.35 44.36
CA ILE A 703 -1.03 -8.93 44.05
C ILE A 703 -0.69 -7.70 44.88
N PRO A 704 -0.15 -7.86 46.08
CA PRO A 704 0.25 -6.68 46.87
C PRO A 704 1.40 -5.92 46.21
N ARG A 705 1.48 -4.63 46.51
CA ARG A 705 2.49 -3.77 45.91
C ARG A 705 3.89 -4.16 46.38
N GLY A 706 4.88 -3.64 45.67
CA GLY A 706 6.28 -3.89 46.01
C GLY A 706 6.63 -5.36 46.12
N GLN A 707 6.09 -6.18 45.24
CA GLN A 707 6.20 -7.63 45.35
C GLN A 707 6.37 -8.25 43.97
N LEU A 708 7.22 -9.27 43.88
CA LEU A 708 7.45 -9.97 42.62
C LEU A 708 6.53 -11.19 42.53
N THR A 709 5.98 -11.41 41.33
CA THR A 709 5.05 -12.51 41.09
C THR A 709 5.43 -13.22 39.81
N MET A 710 5.82 -14.50 39.93
CA MET A 710 6.16 -15.33 38.79
C MET A 710 4.94 -16.15 38.42
N ILE A 711 4.38 -15.87 37.26
CA ILE A 711 3.40 -16.77 36.66
C ILE A 711 4.14 -17.85 35.89
N VAL A 712 3.70 -19.09 36.04
CA VAL A 712 4.33 -20.24 35.41
C VAL A 712 3.26 -21.22 34.99
N GLY A 713 3.62 -22.10 34.07
CA GLY A 713 2.69 -23.07 33.54
C GLY A 713 3.09 -23.49 32.14
N GLN A 714 2.40 -24.50 31.65
CA GLN A 714 2.70 -25.08 30.34
C GLN A 714 2.35 -24.10 29.22
N VAL A 715 2.65 -24.51 27.99
CA VAL A 715 2.30 -23.69 26.84
C VAL A 715 0.80 -23.71 26.63
N GLY A 716 0.20 -22.53 26.52
CA GLY A 716 -1.23 -22.42 26.35
C GLY A 716 -2.00 -22.58 27.64
N CYS A 717 -1.67 -21.75 28.63
CA CYS A 717 -2.33 -21.80 29.93
C CYS A 717 -2.82 -20.41 30.35
N GLY A 718 -3.10 -19.55 29.37
CA GLY A 718 -3.66 -18.24 29.67
C GLY A 718 -2.77 -17.36 30.51
N LYS A 719 -1.46 -17.42 30.28
CA LYS A 719 -0.54 -16.54 31.00
C LYS A 719 -0.55 -15.14 30.40
N SER A 720 -0.26 -15.04 29.10
CA SER A 720 -0.43 -13.77 28.41
C SER A 720 -1.88 -13.31 28.45
N SER A 721 -2.82 -14.25 28.45
CA SER A 721 -4.24 -13.89 28.49
C SER A 721 -4.62 -13.34 29.86
N LEU A 722 -4.10 -13.94 30.93
CA LEU A 722 -4.27 -13.34 32.25
C LEU A 722 -3.63 -11.96 32.30
N LEU A 723 -2.47 -11.80 31.64
CA LEU A 723 -1.82 -10.50 31.61
C LEU A 723 -2.67 -9.46 30.91
N LEU A 724 -3.35 -9.85 29.82
CA LEU A 724 -4.14 -8.89 29.07
C LEU A 724 -5.48 -8.59 29.74
N ALA A 725 -6.09 -9.59 30.38
CA ALA A 725 -7.33 -9.36 31.11
C ALA A 725 -7.07 -8.45 32.32
N THR A 726 -6.00 -8.73 33.07
CA THR A 726 -5.57 -7.81 34.13
C THR A 726 -5.35 -6.40 33.58
N LEU A 727 -4.98 -6.31 32.30
CA LEU A 727 -4.71 -5.04 31.65
C LEU A 727 -5.97 -4.26 31.29
N GLY A 728 -7.15 -4.81 31.57
CA GLY A 728 -8.39 -4.20 31.16
C GLY A 728 -8.66 -4.23 29.68
N GLU A 729 -7.68 -4.65 28.86
CA GLU A 729 -7.89 -4.76 27.42
C GLU A 729 -8.96 -5.79 27.08
N MET A 730 -9.26 -6.70 28.02
CA MET A 730 -10.27 -7.75 27.84
C MET A 730 -11.13 -7.77 29.10
N GLN A 731 -12.24 -7.04 29.08
CA GLN A 731 -13.15 -7.02 30.21
C GLN A 731 -13.88 -8.35 30.32
N LYS A 732 -13.75 -8.99 31.48
CA LYS A 732 -14.31 -10.33 31.67
C LYS A 732 -15.83 -10.30 31.64
N VAL A 733 -16.42 -11.44 31.26
CA VAL A 733 -17.87 -11.55 31.23
C VAL A 733 -18.45 -11.35 32.62
N SER A 734 -18.05 -12.21 33.56
CA SER A 734 -18.55 -12.17 34.93
C SER A 734 -17.36 -12.29 35.88
N GLY A 735 -17.04 -11.21 36.57
CA GLY A 735 -15.94 -11.21 37.51
C GLY A 735 -15.51 -9.81 37.86
N ALA A 736 -14.87 -9.69 39.03
CA ALA A 736 -14.43 -8.41 39.56
C ALA A 736 -12.92 -8.30 39.49
N VAL A 737 -12.44 -7.14 39.06
CA VAL A 737 -11.01 -6.89 38.90
C VAL A 737 -10.73 -5.42 39.21
N PHE A 738 -9.77 -5.17 40.10
CA PHE A 738 -9.48 -3.82 40.56
C PHE A 738 -7.96 -3.61 40.62
N TRP A 739 -7.55 -2.36 40.47
CA TRP A 739 -6.17 -1.97 40.72
C TRP A 739 -6.09 -0.49 41.07
N GLY A 768 -5.25 2.73 36.00
CA GLY A 768 -3.98 3.45 36.03
C GLY A 768 -3.09 3.15 34.84
N PRO A 769 -2.18 4.08 34.51
CA PRO A 769 -1.29 3.89 33.35
C PRO A 769 -0.18 2.90 33.66
N VAL A 770 -0.25 1.74 33.04
CA VAL A 770 0.58 0.58 33.39
C VAL A 770 1.56 0.34 32.26
N ALA A 771 2.85 0.35 32.57
CA ALA A 771 3.87 -0.04 31.61
C ALA A 771 3.81 -1.55 31.38
N TYR A 772 4.18 -1.96 30.17
CA TYR A 772 3.98 -3.33 29.75
C TYR A 772 4.78 -3.64 28.50
N ALA A 773 5.55 -4.73 28.54
CA ALA A 773 6.33 -5.19 27.40
C ALA A 773 5.73 -6.52 26.94
N SER A 774 5.14 -6.52 25.75
CA SER A 774 4.35 -7.65 25.29
C SER A 774 5.25 -8.82 24.87
N GLN A 775 4.61 -9.96 24.61
CA GLN A 775 5.34 -11.17 24.26
C GLN A 775 5.95 -11.08 22.87
N LYS A 776 5.37 -10.28 21.99
CA LYS A 776 5.89 -10.05 20.64
C LYS A 776 6.19 -8.57 20.49
N PRO A 777 7.44 -8.14 20.66
CA PRO A 777 7.73 -6.71 20.78
C PRO A 777 7.51 -5.98 19.46
N TRP A 778 7.48 -4.66 19.57
CA TRP A 778 7.29 -3.79 18.42
C TRP A 778 8.06 -2.50 18.64
N LEU A 779 8.48 -1.89 17.55
CA LEU A 779 9.26 -0.66 17.58
C LEU A 779 8.56 0.41 16.76
N LEU A 780 8.83 1.67 17.09
CA LEU A 780 8.24 2.81 16.41
C LEU A 780 9.18 3.32 15.34
N ASN A 781 8.60 3.98 14.33
CA ASN A 781 9.38 4.60 13.26
C ASN A 781 10.02 5.85 13.83
N ALA A 782 11.11 5.65 14.55
CA ALA A 782 11.78 6.71 15.29
C ALA A 782 13.19 6.26 15.60
N THR A 783 13.85 6.98 16.50
CA THR A 783 15.19 6.62 16.94
C THR A 783 15.12 5.72 18.17
N VAL A 784 16.28 5.19 18.55
CA VAL A 784 16.35 4.31 19.72
C VAL A 784 16.02 5.08 20.99
N GLU A 785 16.66 6.24 21.17
CA GLU A 785 16.36 7.10 22.31
C GLU A 785 14.87 7.40 22.39
N GLU A 786 14.23 7.58 21.23
CA GLU A 786 12.80 7.89 21.22
C GLU A 786 11.97 6.67 21.60
N ASN A 787 12.36 5.48 21.12
CA ASN A 787 11.67 4.26 21.49
C ASN A 787 11.82 3.96 22.97
N ILE A 788 12.88 4.44 23.61
CA ILE A 788 13.03 4.20 25.04
C ILE A 788 12.43 5.32 25.89
N THR A 789 12.34 6.55 25.36
CA THR A 789 11.70 7.62 26.11
C THR A 789 10.18 7.47 26.09
N PHE A 790 9.60 7.34 24.90
CA PHE A 790 8.16 7.15 24.73
C PHE A 790 7.38 8.35 25.29
N GLU A 791 7.63 9.52 24.71
CA GLU A 791 6.98 10.79 24.99
C GLU A 791 7.38 11.37 26.36
N SER A 792 8.16 10.65 27.15
CA SER A 792 8.58 11.21 28.42
C SER A 792 9.84 12.06 28.26
N PRO A 793 9.98 13.12 29.05
CA PRO A 793 11.19 13.95 28.95
C PRO A 793 12.44 13.17 29.29
N PHE A 794 13.58 13.63 28.76
CA PHE A 794 14.84 12.95 28.97
C PHE A 794 15.35 13.18 30.39
N ASN A 795 16.27 12.31 30.81
CA ASN A 795 16.91 12.44 32.10
C ASN A 795 18.36 11.96 31.98
N LYS A 796 19.27 12.74 32.56
CA LYS A 796 20.69 12.44 32.46
C LYS A 796 21.01 11.06 33.00
N GLN A 797 20.75 10.85 34.30
CA GLN A 797 21.12 9.58 34.92
C GLN A 797 20.11 8.47 34.67
N ARG A 798 18.83 8.81 34.55
CA ARG A 798 17.80 7.79 34.38
C ARG A 798 18.01 7.00 33.09
N TYR A 799 18.15 7.70 31.96
CA TYR A 799 18.33 7.03 30.69
C TYR A 799 19.61 6.18 30.68
N LYS A 800 20.70 6.74 31.19
CA LYS A 800 21.95 5.99 31.21
C LYS A 800 21.83 4.74 32.08
N MET A 801 21.11 4.83 33.20
CA MET A 801 20.93 3.66 34.04
C MET A 801 20.10 2.59 33.33
N VAL A 802 19.01 3.01 32.68
CA VAL A 802 18.17 2.03 31.99
C VAL A 802 18.95 1.38 30.85
N ILE A 803 19.82 2.14 30.19
CA ILE A 803 20.63 1.56 29.12
C ILE A 803 21.66 0.59 29.68
N GLU A 804 22.38 1.01 30.73
CA GLU A 804 23.46 0.20 31.28
C GLU A 804 22.94 -0.97 32.11
N ALA A 805 21.64 -1.06 32.36
CA ALA A 805 21.07 -2.24 32.98
C ALA A 805 20.50 -3.24 31.97
N CYS A 806 20.21 -2.79 30.75
CA CYS A 806 19.57 -3.63 29.74
C CYS A 806 20.55 -4.40 28.87
N SER A 807 21.85 -4.34 29.15
CA SER A 807 22.86 -5.00 28.34
C SER A 807 22.75 -4.57 26.88
N LEU A 808 22.64 -3.27 26.66
CA LEU A 808 22.33 -2.72 25.35
C LEU A 808 23.32 -1.67 24.86
N GLN A 809 24.17 -1.12 25.72
CA GLN A 809 25.07 -0.05 25.27
C GLN A 809 26.11 -0.54 24.27
N PRO A 810 26.79 -1.68 24.48
CA PRO A 810 27.77 -2.11 23.46
C PRO A 810 27.17 -2.29 22.08
N ASP A 811 26.03 -2.98 21.98
CA ASP A 811 25.40 -3.19 20.68
C ASP A 811 24.93 -1.87 20.08
N ILE A 812 24.42 -0.96 20.91
CA ILE A 812 24.00 0.34 20.41
C ILE A 812 25.19 1.09 19.82
N ASP A 813 26.35 1.03 20.49
CA ASP A 813 27.54 1.71 19.99
C ASP A 813 28.14 1.01 18.77
N ILE A 814 27.83 -0.27 18.57
CA ILE A 814 28.32 -0.97 17.39
C ILE A 814 27.58 -0.53 16.13
N LEU A 815 26.33 -0.05 16.29
CA LEU A 815 25.50 0.35 15.16
C LEU A 815 26.20 1.42 14.31
N PRO A 816 25.75 1.60 13.05
CA PRO A 816 26.40 2.61 12.19
C PRO A 816 26.36 4.00 12.78
N HIS A 817 25.20 4.44 13.25
CA HIS A 817 25.08 5.67 14.01
C HIS A 817 25.12 5.31 15.49
N GLY A 818 26.07 5.90 16.22
CA GLY A 818 26.26 5.55 17.62
C GLY A 818 25.00 5.61 18.43
N ASP A 819 24.09 6.51 18.09
CA ASP A 819 22.75 6.54 18.67
C ASP A 819 21.84 7.26 17.68
N GLN A 820 20.56 7.34 18.04
CA GLN A 820 19.54 7.94 17.19
C GLN A 820 19.49 7.29 15.81
N THR A 821 19.95 6.05 15.71
CA THR A 821 19.84 5.29 14.48
C THR A 821 18.38 5.08 14.15
N GLN A 822 18.00 5.43 12.92
CA GLN A 822 16.61 5.34 12.49
C GLN A 822 16.23 3.87 12.38
N ILE A 823 15.54 3.35 13.38
CA ILE A 823 15.13 1.95 13.37
C ILE A 823 14.17 1.74 12.21
N GLY A 824 14.51 0.80 11.33
CA GLY A 824 13.68 0.49 10.19
C GLY A 824 12.30 0.00 10.58
N GLU A 825 11.45 -0.24 9.58
CA GLU A 825 10.08 -0.65 9.84
C GLU A 825 10.06 -2.02 10.51
N ARG A 826 9.51 -2.07 11.73
CA ARG A 826 9.40 -3.27 12.57
C ARG A 826 10.75 -3.70 13.15
N GLY A 827 11.82 -3.03 12.74
CA GLY A 827 13.14 -3.33 13.26
C GLY A 827 13.89 -4.40 12.48
N ILE A 828 13.90 -4.26 11.14
CA ILE A 828 14.56 -5.26 10.30
C ILE A 828 16.07 -5.18 10.45
N ASN A 829 16.63 -3.98 10.52
CA ASN A 829 18.06 -3.79 10.71
C ASN A 829 18.50 -4.01 12.16
N LEU A 830 17.66 -4.63 12.97
CA LEU A 830 17.99 -5.06 14.32
C LEU A 830 17.91 -6.59 14.40
N SER A 831 18.55 -7.14 15.43
CA SER A 831 18.61 -8.59 15.61
C SER A 831 17.43 -9.07 16.44
N GLY A 832 17.40 -10.35 16.78
CA GLY A 832 16.30 -10.89 17.56
C GLY A 832 16.31 -10.39 19.00
N GLY A 833 17.45 -10.53 19.68
CA GLY A 833 17.52 -10.12 21.06
C GLY A 833 17.53 -8.61 21.25
N GLN A 834 17.98 -7.88 20.24
CA GLN A 834 18.06 -6.42 20.36
C GLN A 834 16.68 -5.80 20.52
N ARG A 835 15.72 -6.24 19.71
CA ARG A 835 14.38 -5.68 19.79
C ARG A 835 13.73 -6.01 21.14
N GLN A 836 13.95 -7.21 21.65
CA GLN A 836 13.41 -7.57 22.95
C GLN A 836 14.02 -6.71 24.04
N ARG A 837 15.34 -6.54 24.02
CA ARG A 837 15.97 -5.68 25.01
C ARG A 837 15.48 -4.25 24.92
N ILE A 838 15.19 -3.77 23.70
CA ILE A 838 14.71 -2.41 23.53
C ILE A 838 13.30 -2.26 24.08
N SER A 839 12.44 -3.25 23.84
CA SER A 839 11.09 -3.20 24.39
C SER A 839 11.13 -3.23 25.92
N VAL A 840 11.99 -4.08 26.48
CA VAL A 840 12.10 -4.16 27.94
C VAL A 840 12.64 -2.86 28.50
N ALA A 841 13.59 -2.22 27.78
CA ALA A 841 14.08 -0.92 28.20
C ALA A 841 12.98 0.12 28.20
N ARG A 842 12.13 0.11 27.17
CA ARG A 842 11.01 1.05 27.14
C ARG A 842 10.10 0.84 28.34
N ALA A 843 9.70 -0.41 28.60
CA ALA A 843 8.79 -0.68 29.70
C ALA A 843 9.44 -0.47 31.06
N LEU A 844 10.77 -0.49 31.13
CA LEU A 844 11.49 -0.33 32.38
C LEU A 844 11.87 1.11 32.66
N TYR A 845 11.95 1.95 31.63
CA TYR A 845 12.32 3.34 31.79
C TYR A 845 11.15 4.20 32.24
N GLN A 846 9.93 3.82 31.88
CA GLN A 846 8.78 4.65 32.17
C GLN A 846 8.44 4.64 33.65
N GLN A 847 7.86 5.75 34.11
CA GLN A 847 7.42 5.89 35.50
C GLN A 847 6.00 5.38 35.63
N THR A 848 5.82 4.34 36.46
CA THR A 848 4.50 3.76 36.68
C THR A 848 4.57 2.87 37.91
N ASN A 849 3.40 2.40 38.35
CA ASN A 849 3.33 1.49 39.49
C ASN A 849 3.60 0.04 39.06
N VAL A 850 2.74 -0.49 38.19
CA VAL A 850 2.73 -1.90 37.85
C VAL A 850 3.42 -2.08 36.50
N VAL A 851 4.31 -3.05 36.41
CA VAL A 851 4.98 -3.39 35.15
C VAL A 851 4.74 -4.87 34.86
N PHE A 852 4.19 -5.15 33.68
CA PHE A 852 4.01 -6.51 33.20
C PHE A 852 5.10 -6.84 32.18
N LEU A 853 5.78 -7.97 32.38
CA LEU A 853 6.81 -8.42 31.46
C LEU A 853 6.45 -9.80 30.94
N ASP A 854 6.15 -9.86 29.64
CA ASP A 854 5.59 -11.05 28.98
C ASP A 854 6.73 -11.82 28.31
N ASP A 855 7.39 -12.67 29.09
CA ASP A 855 8.55 -13.45 28.68
C ASP A 855 9.63 -12.55 28.07
N PRO A 856 10.30 -11.73 28.86
CA PRO A 856 11.34 -10.86 28.31
C PRO A 856 12.69 -11.58 28.18
N PHE A 857 12.68 -12.91 28.27
CA PHE A 857 13.91 -13.69 28.26
C PHE A 857 13.96 -14.72 27.15
N SER A 858 13.07 -14.64 26.17
CA SER A 858 13.05 -15.64 25.10
C SER A 858 14.29 -15.51 24.21
N ALA A 859 14.55 -14.31 23.70
CA ALA A 859 15.63 -14.07 22.75
C ALA A 859 16.92 -13.61 23.42
N LEU A 860 17.17 -14.05 24.66
CA LEU A 860 18.42 -13.76 25.35
C LEU A 860 19.09 -15.06 25.77
N ASP A 861 20.39 -14.98 26.00
CA ASP A 861 21.19 -16.13 26.40
C ASP A 861 21.14 -16.26 27.92
N VAL A 862 22.00 -17.12 28.47
CA VAL A 862 22.05 -17.30 29.92
C VAL A 862 22.64 -16.05 30.59
N HIS A 863 23.76 -15.55 30.06
CA HIS A 863 24.50 -14.51 30.76
C HIS A 863 23.80 -13.16 30.68
N LEU A 864 23.30 -12.78 29.50
CA LEU A 864 22.55 -11.54 29.38
C LEU A 864 21.28 -11.57 30.22
N SER A 865 20.60 -12.74 30.26
CA SER A 865 19.42 -12.87 31.11
C SER A 865 19.78 -12.71 32.58
N ASP A 866 20.88 -13.33 33.01
CA ASP A 866 21.31 -13.18 34.40
C ASP A 866 21.58 -11.71 34.74
N HIS A 867 22.35 -11.04 33.88
CA HIS A 867 22.70 -9.64 34.17
C HIS A 867 21.46 -8.75 34.16
N LEU A 868 20.54 -8.97 33.21
CA LEU A 868 19.34 -8.15 33.13
C LEU A 868 18.43 -8.38 34.32
N MET A 869 18.23 -9.65 34.71
CA MET A 869 17.38 -9.94 35.85
C MET A 869 17.99 -9.44 37.15
N GLN A 870 19.32 -9.46 37.26
CA GLN A 870 19.96 -9.00 38.49
C GLN A 870 19.97 -7.47 38.57
N ALA A 871 20.19 -6.79 37.45
CA ALA A 871 20.40 -5.35 37.48
C ALA A 871 19.07 -4.60 37.45
N GLY A 872 18.21 -4.88 36.47
CA GLY A 872 17.00 -4.11 36.31
C GLY A 872 15.84 -4.56 37.17
N ILE A 873 15.65 -5.88 37.27
CA ILE A 873 14.48 -6.41 37.97
C ILE A 873 14.69 -6.38 39.48
N LEU A 874 15.87 -6.77 39.95
CA LEU A 874 16.10 -6.87 41.39
C LEU A 874 16.70 -5.60 41.98
N GLU A 875 17.59 -4.92 41.25
CA GLU A 875 18.23 -3.72 41.77
C GLU A 875 17.49 -2.45 41.36
N LEU A 876 17.10 -2.34 40.09
CA LEU A 876 16.54 -1.08 39.62
C LEU A 876 15.04 -1.00 39.88
N LEU A 877 14.30 -2.07 39.57
CA LEU A 877 12.86 -2.09 39.82
C LEU A 877 12.57 -2.08 41.31
N ARG A 878 13.08 -3.08 42.03
CA ARG A 878 12.87 -3.23 43.47
C ARG A 878 13.40 -2.05 44.27
N ASP A 879 14.17 -1.16 43.64
CA ASP A 879 14.63 0.05 44.31
C ASP A 879 13.43 0.93 44.70
N ASP A 880 12.66 1.37 43.72
CA ASP A 880 11.50 2.22 43.97
C ASP A 880 10.32 1.47 44.54
N LYS A 881 10.46 0.17 44.82
CA LYS A 881 9.38 -0.65 45.37
C LYS A 881 8.16 -0.64 44.46
N ARG A 882 8.40 -0.73 43.15
CA ARG A 882 7.31 -0.87 42.20
C ARG A 882 6.74 -2.28 42.25
N THR A 883 5.64 -2.49 41.52
CA THR A 883 5.01 -3.79 41.41
C THR A 883 5.41 -4.43 40.09
N VAL A 884 5.84 -5.69 40.14
CA VAL A 884 6.35 -6.40 38.98
C VAL A 884 5.59 -7.71 38.81
N VAL A 885 5.01 -7.92 37.63
CA VAL A 885 4.40 -9.18 37.26
C VAL A 885 5.16 -9.70 36.04
N LEU A 886 6.00 -10.71 36.24
CA LEU A 886 6.88 -11.20 35.20
C LEU A 886 6.56 -12.66 34.93
N VAL A 887 6.30 -12.98 33.67
CA VAL A 887 5.85 -14.31 33.28
C VAL A 887 6.91 -14.94 32.38
N THR A 888 7.55 -15.98 32.87
CA THR A 888 8.58 -16.67 32.11
C THR A 888 8.76 -18.07 32.69
N HIS A 889 9.88 -18.73 32.35
CA HIS A 889 10.20 -20.03 32.93
C HIS A 889 11.71 -20.18 32.94
N LYS A 890 12.32 -19.88 34.08
CA LYS A 890 13.74 -20.12 34.30
C LYS A 890 13.94 -20.57 35.74
N LEU A 891 15.18 -20.95 36.05
CA LEU A 891 15.52 -21.45 37.38
C LEU A 891 15.89 -20.34 38.36
N GLN A 892 16.63 -19.33 37.88
CA GLN A 892 17.16 -18.31 38.77
C GLN A 892 16.06 -17.45 39.39
N TYR A 893 14.94 -17.28 38.71
CA TYR A 893 13.97 -16.28 39.11
C TYR A 893 13.09 -16.76 40.27
N LEU A 894 12.84 -18.06 40.37
CA LEU A 894 11.93 -18.57 41.38
C LEU A 894 12.36 -18.23 42.81
N PRO A 895 13.61 -18.45 43.23
CA PRO A 895 13.99 -18.10 44.61
C PRO A 895 14.01 -16.61 44.89
N HIS A 896 13.75 -15.76 43.89
CA HIS A 896 13.78 -14.31 44.07
C HIS A 896 12.40 -13.69 44.23
N ALA A 897 11.35 -14.34 43.76
CA ALA A 897 10.03 -13.74 43.77
C ALA A 897 9.24 -14.11 45.03
N ASP A 898 8.18 -13.36 45.28
CA ASP A 898 7.34 -13.53 46.47
C ASP A 898 6.12 -14.39 46.22
N TRP A 899 5.49 -14.29 45.05
CA TRP A 899 4.30 -15.08 44.75
C TRP A 899 4.52 -15.92 43.51
N ILE A 900 3.90 -17.11 43.48
CA ILE A 900 4.02 -18.01 42.35
C ILE A 900 2.61 -18.46 41.94
N ILE A 901 2.32 -18.41 40.64
CA ILE A 901 0.99 -18.71 40.13
C ILE A 901 1.09 -19.76 39.04
N ALA A 902 0.61 -20.96 39.33
CA ALA A 902 0.68 -22.09 38.41
C ALA A 902 -0.63 -22.20 37.62
N MET A 903 -0.51 -22.12 36.30
CA MET A 903 -1.65 -22.20 35.39
C MET A 903 -1.65 -23.54 34.65
N LYS A 904 -2.85 -24.03 34.35
CA LYS A 904 -3.01 -25.26 33.59
C LYS A 904 -4.38 -25.26 32.93
N ASP A 905 -4.39 -25.27 31.59
CA ASP A 905 -5.63 -25.30 30.81
C ASP A 905 -6.57 -24.16 31.18
N GLY A 906 -6.00 -22.98 31.43
CA GLY A 906 -6.80 -21.83 31.78
C GLY A 906 -7.27 -21.78 33.21
N THR A 907 -6.68 -22.59 34.09
CA THR A 907 -7.07 -22.64 35.49
C THR A 907 -5.82 -22.57 36.37
N ILE A 908 -5.99 -21.99 37.55
CA ILE A 908 -4.89 -21.84 38.51
C ILE A 908 -4.81 -23.13 39.32
N GLN A 909 -3.73 -23.89 39.13
CA GLN A 909 -3.61 -25.18 39.80
C GLN A 909 -3.46 -25.01 41.31
N ARG A 910 -2.39 -24.35 41.73
CA ARG A 910 -2.17 -23.99 43.13
C ARG A 910 -2.02 -22.48 43.23
N GLU A 911 -1.76 -21.99 44.44
CA GLU A 911 -1.67 -20.55 44.62
C GLU A 911 -0.95 -20.21 45.91
N GLY A 912 -0.18 -19.11 45.87
CA GLY A 912 0.34 -18.48 47.06
C GLY A 912 1.82 -18.13 46.95
N THR A 913 2.42 -17.96 48.13
CA THR A 913 3.85 -17.71 48.28
C THR A 913 4.62 -19.02 48.14
N LEU A 914 5.93 -18.95 48.34
CA LEU A 914 6.79 -20.10 48.09
C LEU A 914 6.63 -21.18 49.15
N LYS A 915 6.70 -20.79 50.42
CA LYS A 915 6.67 -21.78 51.51
C LYS A 915 5.34 -22.52 51.54
N ASP A 916 4.23 -21.77 51.47
CA ASP A 916 2.92 -22.42 51.47
C ASP A 916 2.72 -23.27 50.23
N PHE A 917 3.31 -22.86 49.10
CA PHE A 917 3.25 -23.69 47.90
C PHE A 917 4.03 -24.98 48.06
N GLN A 918 5.13 -24.94 48.82
CA GLN A 918 5.92 -26.14 49.03
C GLN A 918 5.36 -27.01 50.16
N ARG A 919 4.47 -26.46 50.98
CA ARG A 919 3.79 -27.24 52.00
C ARG A 919 2.44 -27.78 51.54
N SER A 920 1.96 -27.38 50.37
CA SER A 920 0.68 -27.85 49.85
C SER A 920 0.87 -29.11 49.02
N GLU A 921 -0.25 -29.73 48.65
CA GLU A 921 -0.23 -30.96 47.88
C GLU A 921 0.10 -30.71 46.42
N ARG A 999 16.36 4.59 -19.10
CA ARG A 999 16.38 3.19 -18.71
C ARG A 999 15.03 2.75 -18.19
N ALA A 1000 14.01 3.59 -18.41
CA ALA A 1000 12.66 3.32 -17.92
C ALA A 1000 11.65 3.18 -19.05
N CYS A 1001 11.59 4.14 -19.96
CA CYS A 1001 10.60 4.11 -21.04
C CYS A 1001 10.99 3.14 -22.15
N THR A 1002 12.29 2.85 -22.30
CA THR A 1002 12.74 1.95 -23.36
C THR A 1002 12.14 0.56 -23.19
N LYS A 1003 12.34 -0.05 -22.02
CA LYS A 1003 11.81 -1.39 -21.80
C LYS A 1003 10.29 -1.39 -21.69
N TYR A 1004 9.69 -0.28 -21.25
CA TYR A 1004 8.23 -0.17 -21.27
C TYR A 1004 7.69 -0.27 -22.69
N LEU A 1005 8.23 0.54 -23.60
CA LEU A 1005 7.80 0.48 -24.99
C LEU A 1005 8.18 -0.84 -25.65
N SER A 1006 9.26 -1.47 -25.21
CA SER A 1006 9.62 -2.77 -25.76
C SER A 1006 8.64 -3.86 -25.32
N SER A 1007 8.19 -3.81 -24.07
CA SER A 1007 7.17 -4.73 -23.60
C SER A 1007 5.82 -4.45 -24.25
N ALA A 1008 5.56 -3.19 -24.58
CA ALA A 1008 4.35 -2.87 -25.32
C ALA A 1008 4.35 -3.53 -26.69
N GLY A 1009 5.51 -3.62 -27.32
CA GLY A 1009 5.62 -4.26 -28.63
C GLY A 1009 5.85 -3.26 -29.76
N ILE A 1010 6.95 -3.46 -30.51
CA ILE A 1010 7.28 -2.56 -31.61
C ILE A 1010 6.27 -2.61 -32.75
N LEU A 1011 5.38 -3.60 -32.75
CA LEU A 1011 4.34 -3.73 -33.76
C LEU A 1011 3.00 -3.16 -33.31
N LEU A 1012 2.74 -3.14 -32.00
CA LEU A 1012 1.44 -2.73 -31.50
C LEU A 1012 1.36 -1.22 -31.26
N LEU A 1013 2.36 -0.64 -30.59
CA LEU A 1013 2.35 0.80 -30.38
C LEU A 1013 2.51 1.55 -31.70
N SER A 1014 3.25 0.97 -32.64
CA SER A 1014 3.39 1.58 -33.95
C SER A 1014 2.05 1.61 -34.68
N LEU A 1015 1.31 0.50 -34.64
CA LEU A 1015 -0.03 0.46 -35.22
C LEU A 1015 -0.95 1.45 -34.50
N LEU A 1016 -0.77 1.58 -33.18
CA LEU A 1016 -1.57 2.54 -32.41
C LEU A 1016 -1.36 3.96 -32.92
N VAL A 1017 -0.10 4.40 -32.99
CA VAL A 1017 0.20 5.76 -33.46
C VAL A 1017 -0.28 5.95 -34.89
N PHE A 1018 -0.04 4.96 -35.75
CA PHE A 1018 -0.44 5.06 -37.16
C PHE A 1018 -1.96 5.23 -37.28
N SER A 1019 -2.72 4.41 -36.56
CA SER A 1019 -4.18 4.48 -36.65
C SER A 1019 -4.69 5.80 -36.09
N GLN A 1020 -4.10 6.28 -34.99
CA GLN A 1020 -4.49 7.59 -34.44
C GLN A 1020 -4.29 8.70 -35.46
N LEU A 1021 -3.09 8.76 -36.05
CA LEU A 1021 -2.80 9.81 -37.03
C LEU A 1021 -3.74 9.72 -38.22
N LEU A 1022 -4.00 8.50 -38.70
CA LEU A 1022 -4.87 8.33 -39.86
C LEU A 1022 -6.30 8.78 -39.57
N LYS A 1023 -6.82 8.39 -38.40
CA LYS A 1023 -8.16 8.82 -38.00
C LYS A 1023 -8.24 10.35 -37.95
N HIS A 1024 -7.24 11.00 -37.36
CA HIS A 1024 -7.35 12.45 -37.24
C HIS A 1024 -7.19 13.15 -38.58
N MET A 1025 -6.36 12.60 -39.47
CA MET A 1025 -6.30 13.16 -40.82
C MET A 1025 -7.64 13.07 -41.51
N VAL A 1026 -8.33 11.93 -41.39
CA VAL A 1026 -9.66 11.79 -41.97
C VAL A 1026 -10.61 12.81 -41.37
N LEU A 1027 -10.56 13.00 -40.05
CA LEU A 1027 -11.49 13.90 -39.38
C LEU A 1027 -11.31 15.34 -39.84
N VAL A 1028 -10.06 15.80 -39.92
CA VAL A 1028 -9.85 17.18 -40.37
C VAL A 1028 -10.21 17.33 -41.84
N ALA A 1029 -9.91 16.31 -42.66
CA ALA A 1029 -10.16 16.44 -44.09
C ALA A 1029 -11.64 16.51 -44.40
N ILE A 1030 -12.46 15.69 -43.72
CA ILE A 1030 -13.89 15.70 -44.01
C ILE A 1030 -14.50 17.05 -43.67
N ASP A 1031 -14.07 17.65 -42.56
CA ASP A 1031 -14.59 18.96 -42.17
C ASP A 1031 -14.15 20.03 -43.16
N TYR A 1032 -12.89 19.99 -43.63
CA TYR A 1032 -12.45 20.99 -44.60
C TYR A 1032 -13.22 20.86 -45.91
N TRP A 1033 -13.38 19.63 -46.40
CA TRP A 1033 -14.15 19.39 -47.61
C TRP A 1033 -15.59 19.87 -47.46
N LEU A 1034 -16.22 19.56 -46.32
CA LEU A 1034 -17.59 20.01 -46.08
C LEU A 1034 -17.67 21.53 -46.04
N ALA A 1035 -16.65 22.18 -45.48
CA ALA A 1035 -16.64 23.64 -45.45
C ALA A 1035 -16.58 24.21 -46.86
N LYS A 1036 -15.69 23.68 -47.69
CA LYS A 1036 -15.60 24.16 -49.07
C LYS A 1036 -16.85 23.83 -49.87
N TRP A 1037 -17.61 22.80 -49.46
CA TRP A 1037 -18.84 22.48 -50.19
C TRP A 1037 -20.01 23.33 -49.73
N THR A 1038 -20.07 23.67 -48.44
CA THR A 1038 -21.28 24.28 -47.89
C THR A 1038 -21.49 25.68 -48.43
N ASP A 1039 -20.42 26.48 -48.52
CA ASP A 1039 -20.58 27.85 -48.99
C ASP A 1039 -20.99 27.94 -50.45
N SER A 1040 -21.06 26.82 -51.16
CA SER A 1040 -21.53 26.81 -52.55
C SER A 1040 -23.05 27.03 -52.63
N ASP A 1060 -21.40 18.54 -59.50
CA ASP A 1060 -20.77 17.41 -58.82
C ASP A 1060 -21.30 17.26 -57.40
N GLN A 1061 -22.61 17.51 -57.23
CA GLN A 1061 -23.20 17.37 -55.90
C GLN A 1061 -23.23 15.91 -55.46
N SER A 1062 -23.57 14.99 -56.37
CA SER A 1062 -23.53 13.57 -56.04
C SER A 1062 -22.11 13.12 -55.71
N VAL A 1063 -21.12 13.71 -56.37
CA VAL A 1063 -19.72 13.40 -56.06
C VAL A 1063 -19.42 13.72 -54.60
N TYR A 1064 -19.78 14.93 -54.16
CA TYR A 1064 -19.56 15.30 -52.77
C TYR A 1064 -20.37 14.42 -51.83
N ALA A 1065 -21.59 14.06 -52.22
CA ALA A 1065 -22.42 13.22 -51.37
C ALA A 1065 -21.74 11.87 -51.14
N MET A 1066 -21.22 11.26 -52.20
CA MET A 1066 -20.52 9.99 -52.05
C MET A 1066 -19.24 10.16 -51.24
N VAL A 1067 -18.52 11.26 -51.43
CA VAL A 1067 -17.30 11.49 -50.66
C VAL A 1067 -17.62 11.60 -49.17
N PHE A 1068 -18.67 12.36 -48.84
CA PHE A 1068 -19.08 12.53 -47.45
C PHE A 1068 -19.51 11.20 -46.84
N THR A 1069 -20.30 10.41 -47.58
CA THR A 1069 -20.76 9.12 -47.06
C THR A 1069 -19.60 8.15 -46.88
N LEU A 1070 -18.57 8.22 -47.75
CA LEU A 1070 -17.40 7.36 -47.61
C LEU A 1070 -16.56 7.76 -46.40
N LEU A 1071 -16.33 9.06 -46.23
CA LEU A 1071 -15.53 9.51 -45.10
C LEU A 1071 -16.21 9.24 -43.76
N CYS A 1072 -17.55 9.30 -43.73
CA CYS A 1072 -18.27 9.07 -42.47
C CYS A 1072 -18.18 7.61 -42.00
N SER A 1073 -17.87 6.68 -42.90
CA SER A 1073 -17.61 5.30 -42.50
C SER A 1073 -16.12 5.07 -42.24
N LEU A 1074 -15.26 5.71 -43.03
CA LEU A 1074 -13.83 5.63 -42.78
C LEU A 1074 -13.51 6.09 -41.36
N GLY A 1075 -14.10 7.22 -40.93
CA GLY A 1075 -13.81 7.75 -39.60
C GLY A 1075 -14.08 6.74 -38.50
N ILE A 1076 -15.26 6.11 -38.55
CA ILE A 1076 -15.65 5.18 -37.48
C ILE A 1076 -14.78 3.93 -37.52
N VAL A 1077 -14.46 3.44 -38.73
CA VAL A 1077 -13.57 2.27 -38.83
C VAL A 1077 -12.25 2.57 -38.14
N LEU A 1078 -11.62 3.68 -38.52
CA LEU A 1078 -10.29 4.00 -37.99
C LEU A 1078 -10.33 4.23 -36.48
N CYS A 1079 -11.36 4.92 -35.99
CA CYS A 1079 -11.41 5.20 -34.55
C CYS A 1079 -11.63 3.93 -33.73
N LEU A 1080 -12.52 3.03 -34.20
CA LEU A 1080 -12.69 1.76 -33.53
C LEU A 1080 -11.38 0.98 -33.47
N VAL A 1081 -10.64 0.96 -34.58
CA VAL A 1081 -9.35 0.28 -34.58
C VAL A 1081 -8.42 0.89 -33.54
N THR A 1082 -8.38 2.23 -33.47
CA THR A 1082 -7.51 2.89 -32.49
C THR A 1082 -7.84 2.44 -31.06
N SER A 1083 -9.11 2.47 -30.70
CA SER A 1083 -9.50 2.13 -29.33
C SER A 1083 -9.11 0.69 -28.99
N VAL A 1084 -9.43 -0.25 -29.89
CA VAL A 1084 -9.08 -1.65 -29.65
C VAL A 1084 -7.58 -1.80 -29.41
N THR A 1085 -6.77 -1.17 -30.27
CA THR A 1085 -5.33 -1.29 -30.15
C THR A 1085 -4.82 -0.75 -28.82
N VAL A 1086 -5.36 0.40 -28.39
CA VAL A 1086 -4.91 1.00 -27.13
C VAL A 1086 -5.17 0.04 -25.97
N GLU A 1087 -6.37 -0.53 -25.91
CA GLU A 1087 -6.68 -1.44 -24.81
C GLU A 1087 -5.75 -2.65 -24.80
N TRP A 1088 -5.51 -3.23 -25.98
CA TRP A 1088 -4.61 -4.37 -26.08
C TRP A 1088 -3.23 -4.04 -25.54
N THR A 1089 -2.70 -2.88 -25.94
CA THR A 1089 -1.38 -2.44 -25.47
C THR A 1089 -1.34 -2.34 -23.94
N GLY A 1090 -2.35 -1.71 -23.36
CA GLY A 1090 -2.38 -1.59 -21.91
C GLY A 1090 -2.33 -2.93 -21.20
N LEU A 1091 -3.16 -3.88 -21.66
CA LEU A 1091 -3.16 -5.20 -21.01
C LEU A 1091 -1.79 -5.86 -21.09
N LYS A 1092 -1.17 -5.83 -22.28
CA LYS A 1092 0.13 -6.49 -22.42
C LYS A 1092 1.16 -5.89 -21.48
N VAL A 1093 1.23 -4.56 -21.41
CA VAL A 1093 2.18 -3.92 -20.52
C VAL A 1093 1.94 -4.39 -19.08
N ALA A 1094 0.68 -4.36 -18.65
CA ALA A 1094 0.35 -4.76 -17.28
C ALA A 1094 0.92 -6.14 -16.96
N LYS A 1095 0.55 -7.14 -17.77
CA LYS A 1095 0.90 -8.49 -17.33
C LYS A 1095 2.39 -8.78 -17.47
N ARG A 1096 3.05 -8.26 -18.52
CA ARG A 1096 4.48 -8.49 -18.64
C ARG A 1096 5.25 -7.85 -17.49
N LEU A 1097 4.86 -6.61 -17.12
CA LEU A 1097 5.52 -5.95 -16.01
C LEU A 1097 5.35 -6.71 -14.71
N HIS A 1098 4.15 -7.23 -14.44
CA HIS A 1098 3.96 -7.94 -13.18
C HIS A 1098 4.76 -9.24 -13.13
N ARG A 1099 4.74 -10.01 -14.24
CA ARG A 1099 5.51 -11.25 -14.29
C ARG A 1099 6.99 -10.99 -14.11
N SER A 1100 7.51 -9.91 -14.73
CA SER A 1100 8.91 -9.56 -14.53
C SER A 1100 9.20 -9.19 -13.07
N LEU A 1101 8.30 -8.42 -12.45
CA LEU A 1101 8.54 -7.95 -11.09
C LEU A 1101 8.64 -9.10 -10.12
N LEU A 1102 7.71 -10.06 -10.21
CA LEU A 1102 7.70 -11.12 -9.20
C LEU A 1102 8.93 -12.02 -9.31
N ASN A 1103 9.33 -12.38 -10.53
CA ASN A 1103 10.51 -13.21 -10.70
C ASN A 1103 11.82 -12.44 -10.54
N ARG A 1104 11.76 -11.10 -10.56
CA ARG A 1104 12.94 -10.32 -10.15
C ARG A 1104 13.07 -10.32 -8.63
N ILE A 1105 11.94 -10.27 -7.92
CA ILE A 1105 12.00 -10.29 -6.46
C ILE A 1105 12.35 -11.68 -5.93
N ILE A 1106 11.90 -12.75 -6.60
CA ILE A 1106 12.13 -14.10 -6.10
C ILE A 1106 13.61 -14.47 -6.19
N LEU A 1107 14.30 -14.01 -7.22
CA LEU A 1107 15.70 -14.35 -7.44
C LEU A 1107 16.66 -13.40 -6.73
N ALA A 1108 16.21 -12.75 -5.62
CA ALA A 1108 17.00 -11.81 -4.84
C ALA A 1108 17.67 -12.49 -3.66
N PRO A 1109 18.86 -12.04 -3.27
CA PRO A 1109 19.52 -12.60 -2.09
C PRO A 1109 18.98 -12.00 -0.80
N MET A 1110 19.19 -12.73 0.29
CA MET A 1110 18.63 -12.33 1.58
C MET A 1110 19.17 -10.98 2.05
N ARG A 1111 20.40 -10.64 1.65
CA ARG A 1111 20.94 -9.33 2.02
C ARG A 1111 20.10 -8.21 1.44
N PHE A 1112 19.62 -8.38 0.21
CA PHE A 1112 18.77 -7.36 -0.40
C PHE A 1112 17.41 -7.27 0.30
N PHE A 1113 16.86 -8.41 0.73
CA PHE A 1113 15.57 -8.38 1.41
C PHE A 1113 15.67 -7.71 2.77
N GLU A 1114 16.74 -8.00 3.53
CA GLU A 1114 16.89 -7.35 4.82
C GLU A 1114 17.22 -5.87 4.65
N THR A 1115 18.07 -5.52 3.67
CA THR A 1115 18.47 -4.13 3.50
C THR A 1115 17.28 -3.24 3.14
N THR A 1116 16.50 -3.65 2.16
CA THR A 1116 15.44 -2.79 1.65
C THR A 1116 14.29 -2.69 2.66
N PRO A 1117 13.77 -1.49 2.88
CA PRO A 1117 12.54 -1.37 3.69
C PRO A 1117 11.37 -2.03 2.97
N LEU A 1118 10.70 -2.94 3.68
CA LEU A 1118 9.65 -3.74 3.06
C LEU A 1118 8.39 -2.93 2.75
N GLY A 1119 8.09 -1.93 3.58
CA GLY A 1119 6.94 -1.08 3.30
C GLY A 1119 7.04 -0.41 1.95
N SER A 1120 8.24 0.07 1.59
CA SER A 1120 8.44 0.66 0.28
C SER A 1120 8.20 -0.35 -0.83
N ILE A 1121 8.72 -1.58 -0.67
CA ILE A 1121 8.53 -2.61 -1.68
C ILE A 1121 7.04 -2.87 -1.89
N LEU A 1122 6.30 -3.10 -0.81
CA LEU A 1122 4.89 -3.46 -0.94
C LEU A 1122 4.06 -2.29 -1.49
N ASN A 1123 4.30 -1.06 -1.01
CA ASN A 1123 3.50 0.06 -1.46
C ASN A 1123 3.79 0.40 -2.92
N ARG A 1124 5.06 0.35 -3.32
CA ARG A 1124 5.41 0.48 -4.73
C ARG A 1124 4.69 -0.58 -5.56
N PHE A 1125 4.80 -1.84 -5.13
CA PHE A 1125 4.08 -2.94 -5.78
C PHE A 1125 2.62 -2.55 -6.02
N SER A 1126 1.87 -2.35 -4.94
CA SER A 1126 0.41 -2.19 -5.05
C SER A 1126 0.05 -0.92 -5.82
N SER A 1127 0.61 0.23 -5.41
CA SER A 1127 0.25 1.50 -6.02
C SER A 1127 0.60 1.53 -7.50
N ASP A 1128 1.83 1.13 -7.86
CA ASP A 1128 2.25 1.15 -9.25
C ASP A 1128 1.43 0.20 -10.10
N CYS A 1129 1.20 -1.03 -9.61
CA CYS A 1129 0.45 -1.99 -10.40
C CYS A 1129 -1.00 -1.53 -10.59
N ASN A 1130 -1.60 -0.94 -9.56
CA ASN A 1130 -2.96 -0.42 -9.70
C ASN A 1130 -3.03 0.73 -10.70
N THR A 1131 -2.07 1.66 -10.62
CA THR A 1131 -2.04 2.77 -11.56
C THR A 1131 -1.89 2.28 -13.00
N ILE A 1132 -0.96 1.34 -13.22
CA ILE A 1132 -0.74 0.81 -14.57
C ILE A 1132 -1.99 0.06 -15.06
N ASP A 1133 -2.64 -0.69 -14.17
CA ASP A 1133 -3.78 -1.48 -14.60
C ASP A 1133 -4.99 -0.60 -14.91
N GLN A 1134 -5.18 0.48 -14.17
CA GLN A 1134 -6.44 1.19 -14.26
C GLN A 1134 -6.34 2.65 -14.64
N HIS A 1135 -5.16 3.28 -14.50
CA HIS A 1135 -5.02 4.68 -14.86
C HIS A 1135 -4.24 4.92 -16.15
N ILE A 1136 -3.31 4.04 -16.52
CA ILE A 1136 -2.46 4.27 -17.70
C ILE A 1136 -3.26 4.20 -18.99
N PRO A 1137 -4.25 3.26 -19.20
CA PRO A 1137 -4.89 3.18 -20.52
C PRO A 1137 -5.71 4.41 -20.82
N SER A 1138 -6.61 4.76 -19.89
CA SER A 1138 -7.51 5.89 -20.11
C SER A 1138 -6.72 7.18 -20.26
N THR A 1139 -5.78 7.44 -19.35
CA THR A 1139 -5.02 8.69 -19.40
C THR A 1139 -4.18 8.77 -20.67
N LEU A 1140 -3.51 7.67 -21.02
CA LEU A 1140 -2.69 7.68 -22.24
C LEU A 1140 -3.54 7.94 -23.48
N GLU A 1141 -4.70 7.27 -23.58
CA GLU A 1141 -5.53 7.45 -24.77
C GLU A 1141 -6.12 8.87 -24.83
N CYS A 1142 -6.55 9.41 -23.69
CA CYS A 1142 -7.06 10.78 -23.68
C CYS A 1142 -5.96 11.77 -24.07
N LEU A 1143 -4.73 11.53 -23.60
CA LEU A 1143 -3.61 12.39 -23.97
C LEU A 1143 -3.36 12.36 -25.46
N SER A 1144 -3.35 11.17 -26.06
CA SER A 1144 -3.14 11.05 -27.49
C SER A 1144 -4.25 11.77 -28.26
N ARG A 1145 -5.51 11.54 -27.87
CA ARG A 1145 -6.62 12.23 -28.52
C ARG A 1145 -6.47 13.74 -28.44
N SER A 1146 -6.09 14.25 -27.27
CA SER A 1146 -5.99 15.71 -27.11
C SER A 1146 -4.84 16.30 -27.91
N THR A 1147 -3.68 15.63 -27.95
CA THR A 1147 -2.57 16.14 -28.75
C THR A 1147 -2.89 16.14 -30.24
N LEU A 1148 -3.60 15.11 -30.72
CA LEU A 1148 -4.00 15.10 -32.13
C LEU A 1148 -5.04 16.17 -32.43
N LEU A 1149 -5.95 16.42 -31.49
CA LEU A 1149 -6.91 17.52 -31.66
C LEU A 1149 -6.19 18.87 -31.74
N CYS A 1150 -5.18 19.07 -30.90
CA CYS A 1150 -4.41 20.31 -30.93
C CYS A 1150 -3.68 20.48 -32.26
N VAL A 1151 -3.07 19.40 -32.75
CA VAL A 1151 -2.39 19.45 -34.04
C VAL A 1151 -3.37 19.84 -35.15
N SER A 1152 -4.54 19.17 -35.17
CA SER A 1152 -5.55 19.47 -36.18
C SER A 1152 -5.98 20.93 -36.11
N ALA A 1153 -6.21 21.45 -34.90
CA ALA A 1153 -6.69 22.82 -34.77
C ALA A 1153 -5.64 23.83 -35.22
N LEU A 1154 -4.38 23.64 -34.81
CA LEU A 1154 -3.32 24.53 -35.27
C LEU A 1154 -3.20 24.50 -36.78
N THR A 1155 -3.21 23.30 -37.37
CA THR A 1155 -3.08 23.19 -38.82
C THR A 1155 -4.24 23.87 -39.54
N VAL A 1156 -5.46 23.71 -39.02
CA VAL A 1156 -6.62 24.34 -39.66
C VAL A 1156 -6.50 25.86 -39.60
N ILE A 1157 -6.18 26.40 -38.42
CA ILE A 1157 -6.10 27.86 -38.29
C ILE A 1157 -4.98 28.41 -39.18
N SER A 1158 -3.87 27.68 -39.27
CA SER A 1158 -2.80 28.12 -40.16
C SER A 1158 -3.25 28.12 -41.61
N TYR A 1159 -4.04 27.12 -42.01
CA TYR A 1159 -4.50 27.05 -43.39
C TYR A 1159 -5.48 28.17 -43.71
N VAL A 1160 -6.40 28.47 -42.79
CA VAL A 1160 -7.44 29.45 -43.09
C VAL A 1160 -6.87 30.86 -43.18
N THR A 1161 -5.87 31.17 -42.34
CA THR A 1161 -5.22 32.47 -42.35
C THR A 1161 -3.71 32.26 -42.31
N PRO A 1162 -3.02 32.34 -43.45
CA PRO A 1162 -1.56 32.21 -43.46
C PRO A 1162 -0.84 33.31 -42.70
N VAL A 1163 -1.56 34.30 -42.17
CA VAL A 1163 -0.93 35.37 -41.40
C VAL A 1163 -0.79 35.03 -39.92
N PHE A 1164 -1.55 34.06 -39.43
CA PHE A 1164 -1.53 33.75 -37.99
C PHE A 1164 -0.15 33.32 -37.51
N LEU A 1165 0.67 32.78 -38.42
CA LEU A 1165 2.03 32.38 -38.05
C LEU A 1165 2.88 33.54 -37.58
N VAL A 1166 2.37 34.78 -37.67
CA VAL A 1166 3.05 35.92 -37.06
C VAL A 1166 2.66 36.10 -35.60
N ALA A 1167 1.52 35.56 -35.17
CA ALA A 1167 1.04 35.72 -33.80
C ALA A 1167 1.19 34.45 -32.97
N LEU A 1168 1.78 33.39 -33.51
CA LEU A 1168 1.89 32.12 -32.79
C LEU A 1168 3.16 32.04 -31.95
N LEU A 1169 4.27 32.59 -32.44
CA LEU A 1169 5.53 32.50 -31.70
C LEU A 1169 5.49 33.20 -30.35
N PRO A 1170 4.91 34.40 -30.19
CA PRO A 1170 4.82 34.98 -28.84
C PRO A 1170 4.00 34.12 -27.87
N LEU A 1171 2.88 33.58 -28.35
CA LEU A 1171 2.11 32.64 -27.55
C LEU A 1171 2.97 31.48 -27.09
N ALA A 1172 3.69 30.86 -28.04
CA ALA A 1172 4.54 29.72 -27.72
C ALA A 1172 5.61 30.09 -26.71
N VAL A 1173 6.20 31.28 -26.86
CA VAL A 1173 7.30 31.69 -25.98
C VAL A 1173 6.79 31.91 -24.56
N VAL A 1174 5.70 32.66 -24.41
CA VAL A 1174 5.16 32.92 -23.08
C VAL A 1174 4.70 31.62 -22.42
N CYS A 1175 4.01 30.77 -23.18
CA CYS A 1175 3.55 29.49 -22.64
C CYS A 1175 4.72 28.61 -22.25
N TYR A 1176 5.79 28.61 -23.04
CA TYR A 1176 6.97 27.82 -22.75
C TYR A 1176 7.63 28.27 -21.45
N PHE A 1177 7.77 29.59 -21.29
CA PHE A 1177 8.38 30.11 -20.07
C PHE A 1177 7.53 29.79 -18.85
N ILE A 1178 6.21 29.95 -18.96
CA ILE A 1178 5.38 29.68 -17.80
C ILE A 1178 5.35 28.18 -17.48
N GLN A 1179 5.41 27.32 -18.50
CA GLN A 1179 5.48 25.88 -18.25
C GLN A 1179 6.80 25.51 -17.57
N LYS A 1180 7.90 26.12 -18.01
CA LYS A 1180 9.19 25.87 -17.37
C LYS A 1180 9.17 26.30 -15.91
N TYR A 1181 8.57 27.46 -15.62
CA TYR A 1181 8.48 27.91 -14.24
C TYR A 1181 7.61 26.98 -13.40
N PHE A 1182 6.51 26.48 -13.98
CA PHE A 1182 5.63 25.59 -13.25
C PHE A 1182 6.29 24.24 -12.99
N ARG A 1183 7.17 23.79 -13.88
CA ARG A 1183 7.70 22.43 -13.78
C ARG A 1183 8.46 22.21 -12.48
N VAL A 1184 9.34 23.15 -12.12
CA VAL A 1184 10.18 22.96 -10.95
C VAL A 1184 9.36 23.02 -9.67
N ALA A 1185 8.45 23.98 -9.58
CA ALA A 1185 7.57 24.07 -8.41
C ALA A 1185 6.71 22.82 -8.28
N SER A 1186 6.21 22.31 -9.41
CA SER A 1186 5.38 21.10 -9.38
C SER A 1186 6.19 19.90 -8.92
N ARG A 1187 7.41 19.73 -9.43
CA ARG A 1187 8.25 18.62 -8.98
C ARG A 1187 8.52 18.73 -7.49
N ASP A 1188 8.80 19.94 -7.00
CA ASP A 1188 9.07 20.12 -5.58
C ASP A 1188 7.86 19.76 -4.73
N LEU A 1189 6.67 20.21 -5.14
CA LEU A 1189 5.46 19.92 -4.37
C LEU A 1189 5.16 18.42 -4.39
N GLN A 1190 5.35 17.75 -5.52
CA GLN A 1190 5.13 16.31 -5.57
C GLN A 1190 6.09 15.57 -4.64
N GLN A 1191 7.37 15.96 -4.66
CA GLN A 1191 8.34 15.33 -3.79
C GLN A 1191 7.99 15.53 -2.32
N LEU A 1192 7.58 16.74 -1.95
CA LEU A 1192 7.19 16.99 -0.56
C LEU A 1192 5.94 16.21 -0.20
N ASP A 1193 5.02 16.06 -1.16
CA ASP A 1193 3.82 15.25 -0.94
C ASP A 1193 4.19 13.82 -0.58
N ASP A 1194 5.10 13.22 -1.36
CA ASP A 1194 5.51 11.85 -1.07
C ASP A 1194 6.22 11.74 0.28
N THR A 1195 7.10 12.70 0.57
CA THR A 1195 7.89 12.63 1.81
C THR A 1195 7.04 12.87 3.05
N THR A 1196 5.89 13.53 2.92
CA THR A 1196 4.98 13.60 4.06
C THR A 1196 3.99 12.45 4.09
N GLN A 1197 3.66 11.86 2.94
CA GLN A 1197 2.69 10.78 2.89
C GLN A 1197 3.26 9.46 3.37
N LEU A 1198 4.58 9.26 3.30
CA LEU A 1198 5.14 8.00 3.81
C LEU A 1198 5.01 7.89 5.34
N PRO A 1199 5.42 8.88 6.14
CA PRO A 1199 5.39 8.69 7.61
C PRO A 1199 3.99 8.50 8.18
N LEU A 1200 2.97 9.08 7.56
CA LEU A 1200 1.61 8.90 8.06
C LEU A 1200 1.20 7.42 8.01
N LEU A 1201 1.48 6.76 6.89
CA LEU A 1201 1.15 5.34 6.76
C LEU A 1201 2.04 4.47 7.62
N SER A 1202 3.31 4.84 7.78
CA SER A 1202 4.15 4.14 8.75
C SER A 1202 3.54 4.19 10.15
N HIS A 1203 3.09 5.39 10.56
CA HIS A 1203 2.46 5.56 11.86
C HIS A 1203 1.19 4.73 11.97
N PHE A 1204 0.37 4.71 10.92
CA PHE A 1204 -0.85 3.90 10.94
C PHE A 1204 -0.54 2.43 11.18
N ALA A 1205 0.40 1.88 10.39
CA ALA A 1205 0.76 0.47 10.55
C ALA A 1205 1.26 0.18 11.96
N GLU A 1206 2.15 1.03 12.47
CA GLU A 1206 2.73 0.76 13.79
C GLU A 1206 1.69 0.86 14.89
N THR A 1207 0.74 1.79 14.77
CA THR A 1207 -0.34 1.86 15.74
C THR A 1207 -1.21 0.61 15.66
N VAL A 1208 -1.46 0.11 14.45
CA VAL A 1208 -2.33 -1.04 14.29
C VAL A 1208 -1.70 -2.30 14.90
N GLU A 1209 -0.39 -2.47 14.72
CA GLU A 1209 0.20 -3.71 15.23
C GLU A 1209 0.47 -3.63 16.73
N GLY A 1210 1.11 -2.56 17.20
CA GLY A 1210 1.42 -2.42 18.61
C GLY A 1210 0.26 -1.91 19.45
N LEU A 1211 -0.93 -2.46 19.23
CA LEU A 1211 -2.13 -1.95 19.86
C LEU A 1211 -2.08 -2.10 21.38
N THR A 1212 -1.77 -3.31 21.86
CA THR A 1212 -1.89 -3.60 23.29
C THR A 1212 -1.05 -2.65 24.13
N THR A 1213 0.18 -2.35 23.69
CA THR A 1213 1.04 -1.46 24.48
C THR A 1213 0.45 -0.06 24.58
N ILE A 1214 -0.03 0.47 23.45
CA ILE A 1214 -0.55 1.83 23.43
C ILE A 1214 -1.82 1.93 24.27
N ARG A 1215 -2.65 0.89 24.25
CA ARG A 1215 -3.85 0.95 25.09
C ARG A 1215 -3.57 0.53 26.53
N ALA A 1216 -2.39 -0.02 26.81
CA ALA A 1216 -2.01 -0.29 28.19
C ALA A 1216 -1.51 0.97 28.88
N PHE A 1217 -0.56 1.67 28.24
CA PHE A 1217 -0.08 2.93 28.80
C PHE A 1217 -1.19 3.94 28.99
N ARG A 1218 -2.25 3.83 28.20
CA ARG A 1218 -3.29 4.85 28.09
C ARG A 1218 -2.70 6.18 27.63
N TYR A 1219 -1.90 6.09 26.56
CA TYR A 1219 -1.31 7.23 25.88
C TYR A 1219 -2.15 7.71 24.70
N GLU A 1220 -3.42 7.30 24.65
CA GLU A 1220 -4.23 7.48 23.44
C GLU A 1220 -4.35 8.95 23.06
N ALA A 1221 -4.37 9.85 24.03
CA ALA A 1221 -4.41 11.28 23.72
C ALA A 1221 -3.16 11.71 22.96
N ARG A 1222 -1.99 11.27 23.44
CA ARG A 1222 -0.74 11.62 22.77
C ARG A 1222 -0.70 11.10 21.34
N PHE A 1223 -1.12 9.86 21.13
CA PHE A 1223 -1.07 9.29 19.79
C PHE A 1223 -2.08 9.95 18.85
N GLN A 1224 -3.28 10.26 19.35
CA GLN A 1224 -4.24 10.96 18.52
C GLN A 1224 -3.74 12.35 18.14
N GLN A 1225 -3.09 13.04 19.09
CA GLN A 1225 -2.51 14.34 18.78
C GLN A 1225 -1.42 14.22 17.72
N LYS A 1226 -0.58 13.20 17.84
CA LYS A 1226 0.46 12.97 16.84
C LYS A 1226 -0.15 12.75 15.45
N LEU A 1227 -1.18 11.90 15.38
CA LEU A 1227 -1.81 11.64 14.09
C LEU A 1227 -2.45 12.91 13.53
N LEU A 1228 -3.02 13.75 14.40
CA LEU A 1228 -3.56 15.03 13.93
C LEU A 1228 -2.48 15.89 13.30
N GLU A 1229 -1.31 15.96 13.95
CA GLU A 1229 -0.18 16.69 13.37
C GLU A 1229 0.15 16.16 11.97
N TYR A 1230 0.37 14.84 11.86
CA TYR A 1230 0.79 14.27 10.58
C TYR A 1230 -0.26 14.49 9.50
N THR A 1231 -1.55 14.32 9.83
CA THR A 1231 -2.59 14.46 8.81
C THR A 1231 -2.74 15.90 8.38
N ASP A 1232 -2.55 16.86 9.29
CA ASP A 1232 -2.60 18.26 8.88
C ASP A 1232 -1.47 18.60 7.92
N SER A 1233 -0.27 18.08 8.20
CA SER A 1233 0.84 18.34 7.27
C SER A 1233 0.59 17.69 5.91
N ASN A 1234 0.08 16.45 5.91
CA ASN A 1234 -0.29 15.82 4.64
C ASN A 1234 -1.31 16.65 3.88
N ASN A 1235 -2.33 17.15 4.57
CA ASN A 1235 -3.37 17.92 3.91
C ASN A 1235 -2.81 19.20 3.30
N ILE A 1236 -1.94 19.90 4.02
CA ILE A 1236 -1.42 21.15 3.45
C ILE A 1236 -0.55 20.86 2.24
N ALA A 1237 0.25 19.79 2.29
CA ALA A 1237 1.06 19.44 1.12
C ALA A 1237 0.18 19.18 -0.10
N SER A 1238 -0.84 18.33 0.06
CA SER A 1238 -1.75 18.05 -1.04
C SER A 1238 -2.44 19.32 -1.53
N LEU A 1239 -2.82 20.20 -0.61
CA LEU A 1239 -3.55 21.41 -0.99
C LEU A 1239 -2.68 22.33 -1.82
N PHE A 1240 -1.40 22.44 -1.47
CA PHE A 1240 -0.54 23.30 -2.28
C PHE A 1240 -0.26 22.70 -3.64
N LEU A 1241 -0.11 21.36 -3.71
CA LEU A 1241 0.06 20.74 -5.02
C LEU A 1241 -1.13 21.05 -5.93
N THR A 1242 -2.36 20.85 -5.43
CA THR A 1242 -3.51 21.08 -6.27
C THR A 1242 -3.71 22.57 -6.57
N ALA A 1243 -3.28 23.46 -5.66
CA ALA A 1243 -3.40 24.89 -5.93
C ALA A 1243 -2.45 25.33 -7.05
N ALA A 1244 -1.22 24.81 -7.04
CA ALA A 1244 -0.31 25.10 -8.15
C ALA A 1244 -0.87 24.56 -9.46
N ASN A 1245 -1.44 23.35 -9.42
CA ASN A 1245 -2.10 22.81 -10.60
C ASN A 1245 -3.16 23.78 -11.13
N ARG A 1246 -4.04 24.24 -10.23
CA ARG A 1246 -5.10 25.16 -10.65
C ARG A 1246 -4.54 26.45 -11.24
N TRP A 1247 -3.48 26.98 -10.65
CA TRP A 1247 -2.91 28.23 -11.15
C TRP A 1247 -2.37 28.06 -12.57
N LEU A 1248 -1.64 26.97 -12.81
CA LEU A 1248 -1.17 26.73 -14.17
C LEU A 1248 -2.33 26.59 -15.13
N GLU A 1249 -3.38 25.88 -14.72
CA GLU A 1249 -4.54 25.71 -15.61
C GLU A 1249 -5.19 27.03 -15.94
N VAL A 1250 -5.31 27.93 -14.95
CA VAL A 1250 -5.96 29.21 -15.20
C VAL A 1250 -5.15 30.06 -16.18
N ARG A 1251 -3.83 30.14 -15.96
CA ARG A 1251 -3.06 30.95 -16.89
C ARG A 1251 -3.02 30.32 -18.29
N MET A 1252 -3.07 28.99 -18.36
CA MET A 1252 -3.16 28.34 -19.67
C MET A 1252 -4.49 28.64 -20.35
N GLU A 1253 -5.57 28.71 -19.58
CA GLU A 1253 -6.86 29.04 -20.16
C GLU A 1253 -6.89 30.49 -20.64
N TYR A 1254 -6.22 31.39 -19.94
CA TYR A 1254 -6.10 32.76 -20.43
C TYR A 1254 -5.30 32.79 -21.74
N ILE A 1255 -4.25 31.97 -21.84
CA ILE A 1255 -3.51 31.86 -23.08
C ILE A 1255 -4.42 31.39 -24.22
N GLY A 1256 -5.24 30.38 -23.94
CA GLY A 1256 -6.17 29.89 -24.95
C GLY A 1256 -7.19 30.94 -25.36
N ALA A 1257 -7.66 31.72 -24.39
CA ALA A 1257 -8.56 32.83 -24.71
C ALA A 1257 -7.89 33.82 -25.64
N CYS A 1258 -6.63 34.19 -25.35
CA CYS A 1258 -5.89 35.09 -26.23
C CYS A 1258 -5.84 34.54 -27.66
N VAL A 1259 -5.46 33.27 -27.80
CA VAL A 1259 -5.23 32.74 -29.13
C VAL A 1259 -6.55 32.67 -29.92
N VAL A 1260 -7.63 32.22 -29.28
CA VAL A 1260 -8.90 32.15 -30.00
C VAL A 1260 -9.39 33.56 -30.35
N LEU A 1261 -9.20 34.52 -29.43
CA LEU A 1261 -9.63 35.88 -29.70
C LEU A 1261 -8.96 36.44 -30.93
N ILE A 1262 -7.63 36.44 -30.96
CA ILE A 1262 -7.01 37.10 -32.10
C ILE A 1262 -7.09 36.24 -33.35
N ALA A 1263 -7.28 34.92 -33.23
CA ALA A 1263 -7.58 34.11 -34.40
C ALA A 1263 -8.89 34.56 -35.04
N ALA A 1264 -9.95 34.66 -34.24
CA ALA A 1264 -11.23 35.14 -34.76
C ALA A 1264 -11.14 36.57 -35.28
N ALA A 1265 -10.31 37.41 -34.64
CA ALA A 1265 -10.19 38.79 -35.08
C ALA A 1265 -9.50 38.90 -36.43
N THR A 1266 -8.36 38.21 -36.58
CA THR A 1266 -7.70 38.18 -37.88
C THR A 1266 -8.60 37.54 -38.93
N SER A 1267 -9.42 36.58 -38.54
CA SER A 1267 -10.39 36.02 -39.48
C SER A 1267 -11.35 37.10 -39.96
N ILE A 1268 -12.14 37.66 -39.04
CA ILE A 1268 -13.16 38.64 -39.40
C ILE A 1268 -12.57 39.82 -40.15
N SER A 1269 -11.30 40.14 -39.91
CA SER A 1269 -10.68 41.24 -40.64
C SER A 1269 -10.21 40.80 -42.03
N ASN A 1270 -9.26 39.85 -42.07
CA ASN A 1270 -8.59 39.52 -43.33
C ASN A 1270 -9.50 38.72 -44.25
N SER A 1271 -10.09 37.63 -43.75
CA SER A 1271 -10.89 36.77 -44.62
C SER A 1271 -12.14 37.46 -45.17
N LEU A 1272 -12.44 38.68 -44.73
CA LEU A 1272 -13.55 39.46 -45.24
C LEU A 1272 -13.10 40.64 -46.08
N HIS A 1273 -12.13 41.41 -45.60
CA HIS A 1273 -11.75 42.64 -46.28
C HIS A 1273 -10.87 42.36 -47.49
N ARG A 1274 -9.78 41.63 -47.31
CA ARG A 1274 -8.81 41.39 -48.36
C ARG A 1274 -8.84 39.98 -48.93
N GLU A 1275 -9.15 38.97 -48.11
CA GLU A 1275 -9.12 37.59 -48.59
C GLU A 1275 -10.42 37.19 -49.27
N LEU A 1276 -11.56 37.72 -48.79
CA LEU A 1276 -12.90 37.43 -49.31
C LEU A 1276 -13.11 35.93 -49.51
N SER A 1277 -13.05 35.19 -48.40
CA SER A 1277 -13.31 33.75 -48.40
C SER A 1277 -14.38 33.44 -47.36
N ALA A 1278 -15.30 32.55 -47.73
CA ALA A 1278 -16.48 32.27 -46.91
C ALA A 1278 -16.38 30.98 -46.12
N GLY A 1279 -15.94 29.88 -46.76
CA GLY A 1279 -15.94 28.59 -46.09
C GLY A 1279 -14.92 28.47 -44.98
N LEU A 1280 -13.79 29.16 -45.11
CA LEU A 1280 -12.71 29.03 -44.13
C LEU A 1280 -13.07 29.60 -42.77
N VAL A 1281 -14.01 30.53 -42.70
CA VAL A 1281 -14.33 31.19 -41.44
C VAL A 1281 -14.90 30.18 -40.44
N GLY A 1282 -15.80 29.33 -40.91
CA GLY A 1282 -16.40 28.34 -40.03
C GLY A 1282 -15.38 27.37 -39.47
N LEU A 1283 -14.51 26.84 -40.35
CA LEU A 1283 -13.45 25.97 -39.88
C LEU A 1283 -12.58 26.65 -38.86
N GLY A 1284 -12.12 27.87 -39.16
CA GLY A 1284 -11.25 28.58 -38.25
C GLY A 1284 -11.87 28.76 -36.88
N LEU A 1285 -13.10 29.27 -36.84
CA LEU A 1285 -13.71 29.55 -35.54
C LEU A 1285 -14.06 28.26 -34.80
N THR A 1286 -14.52 27.23 -35.52
CA THR A 1286 -14.84 25.97 -34.88
C THR A 1286 -13.61 25.35 -34.24
N TYR A 1287 -12.51 25.26 -34.99
CA TYR A 1287 -11.29 24.68 -34.44
C TYR A 1287 -10.70 25.54 -33.34
N ALA A 1288 -10.83 26.86 -33.44
CA ALA A 1288 -10.34 27.71 -32.36
C ALA A 1288 -11.12 27.49 -31.08
N LEU A 1289 -12.44 27.50 -31.16
CA LEU A 1289 -13.27 27.26 -29.98
C LEU A 1289 -13.04 25.87 -29.40
N MET A 1290 -12.75 24.89 -30.26
CA MET A 1290 -12.45 23.54 -29.81
C MET A 1290 -11.13 23.47 -29.04
N VAL A 1291 -10.07 24.01 -29.64
CA VAL A 1291 -8.75 23.91 -29.03
C VAL A 1291 -8.64 24.82 -27.81
N SER A 1292 -9.48 25.85 -27.70
CA SER A 1292 -9.38 26.73 -26.55
C SER A 1292 -9.68 25.99 -25.25
N ASN A 1293 -10.43 24.89 -25.34
CA ASN A 1293 -10.65 23.98 -24.21
C ASN A 1293 -9.70 22.79 -24.23
N TYR A 1294 -9.50 22.22 -25.41
CA TYR A 1294 -8.64 21.06 -25.43
C TYR A 1294 -7.19 21.39 -25.07
N LEU A 1295 -6.81 22.67 -25.04
CA LEU A 1295 -5.47 23.02 -24.60
C LEU A 1295 -5.28 22.70 -23.13
N ASN A 1296 -6.15 23.22 -22.27
CA ASN A 1296 -6.08 22.91 -20.85
C ASN A 1296 -6.30 21.42 -20.60
N TRP A 1297 -7.26 20.82 -21.31
CA TRP A 1297 -7.47 19.39 -21.17
C TRP A 1297 -6.17 18.62 -21.45
N MET A 1298 -5.50 18.99 -22.54
CA MET A 1298 -4.29 18.32 -22.99
C MET A 1298 -3.15 18.51 -21.99
N VAL A 1299 -3.02 19.72 -21.44
CA VAL A 1299 -1.97 19.94 -20.44
C VAL A 1299 -2.20 19.08 -19.21
N ARG A 1300 -3.46 18.98 -18.75
CA ARG A 1300 -3.75 18.13 -17.60
C ARG A 1300 -3.44 16.66 -17.90
N ASN A 1301 -3.83 16.18 -19.07
CA ASN A 1301 -3.55 14.80 -19.44
C ASN A 1301 -2.04 14.54 -19.51
N LEU A 1302 -1.28 15.53 -20.00
CA LEU A 1302 0.17 15.37 -20.10
C LEU A 1302 0.82 15.30 -18.71
N ALA A 1303 0.36 16.14 -17.78
CA ALA A 1303 0.86 16.06 -16.42
C ALA A 1303 0.54 14.70 -15.79
N ASP A 1304 -0.69 14.19 -16.01
CA ASP A 1304 -1.05 12.87 -15.50
C ASP A 1304 -0.14 11.79 -16.07
N MET A 1305 0.11 11.84 -17.39
CA MET A 1305 1.00 10.85 -18.01
C MET A 1305 2.40 10.94 -17.42
N GLU A 1306 2.88 12.16 -17.12
CA GLU A 1306 4.21 12.32 -16.55
C GLU A 1306 4.28 11.67 -15.16
N ILE A 1307 3.26 11.87 -14.33
CA ILE A 1307 3.25 11.26 -13.00
C ILE A 1307 3.25 9.73 -13.11
N GLN A 1308 2.36 9.20 -13.96
CA GLN A 1308 2.29 7.74 -14.12
C GLN A 1308 3.57 7.16 -14.71
N LEU A 1309 4.25 7.92 -15.58
CA LEU A 1309 5.51 7.45 -16.15
C LEU A 1309 6.61 7.46 -15.11
N GLY A 1310 6.63 8.44 -14.21
CA GLY A 1310 7.55 8.38 -13.08
C GLY A 1310 7.29 7.14 -12.22
N ALA A 1311 6.01 6.78 -12.06
CA ALA A 1311 5.67 5.53 -11.39
C ALA A 1311 6.30 4.32 -12.10
N VAL A 1312 6.09 4.23 -13.41
CA VAL A 1312 6.68 3.15 -14.19
C VAL A 1312 8.20 3.15 -14.05
N LYS A 1313 8.79 4.35 -13.97
CA LYS A 1313 10.25 4.45 -13.86
C LYS A 1313 10.74 3.89 -12.55
N ARG A 1314 10.03 4.15 -11.45
CA ARG A 1314 10.44 3.56 -10.18
C ARG A 1314 10.29 2.04 -10.21
N ILE A 1315 9.28 1.53 -10.91
CA ILE A 1315 9.18 0.07 -11.08
C ILE A 1315 10.41 -0.47 -11.81
N HIS A 1316 10.79 0.19 -12.92
CA HIS A 1316 11.93 -0.28 -13.71
C HIS A 1316 13.24 -0.16 -12.94
N ALA A 1317 13.37 0.86 -12.08
CA ALA A 1317 14.54 0.95 -11.22
C ALA A 1317 14.57 -0.16 -10.18
N LEU A 1318 13.40 -0.58 -9.70
CA LEU A 1318 13.37 -1.69 -8.76
C LEU A 1318 13.68 -3.02 -9.45
N LEU A 1319 13.42 -3.12 -10.76
CA LEU A 1319 13.52 -4.40 -11.45
C LEU A 1319 14.95 -4.93 -11.50
N LYS A 1320 15.93 -4.06 -11.73
CA LYS A 1320 17.25 -4.52 -12.15
C LYS A 1320 18.25 -4.62 -11.01
N THR A 1321 17.86 -4.31 -9.78
CA THR A 1321 18.74 -4.53 -8.65
C THR A 1321 18.64 -6.01 -8.26
N GLU A 1322 19.18 -6.38 -7.10
CA GLU A 1322 19.24 -7.78 -6.70
C GLU A 1322 20.03 -8.58 -7.73
N ALA A 1323 21.34 -8.25 -7.81
CA ALA A 1323 22.28 -8.94 -8.68
C ALA A 1323 22.03 -10.44 -8.66
N GLU A 1324 22.25 -11.08 -9.80
CA GLU A 1324 21.61 -12.34 -10.18
C GLU A 1324 21.49 -13.34 -9.03
N SER A 1325 22.61 -13.65 -8.39
CA SER A 1325 22.65 -14.58 -7.26
C SER A 1325 21.81 -15.82 -7.56
N TYR A 1326 21.86 -16.28 -8.80
CA TYR A 1326 20.98 -17.32 -9.29
C TYR A 1326 21.68 -18.67 -9.27
N GLU A 1327 20.87 -19.72 -9.25
CA GLU A 1327 21.39 -21.08 -9.24
C GLU A 1327 21.88 -21.46 -10.63
N GLY A 1328 23.03 -22.12 -10.69
CA GLY A 1328 23.59 -22.54 -11.95
C GLY A 1328 24.42 -23.81 -11.86
N PRO A 1332 25.20 -31.34 -14.44
CA PRO A 1332 24.39 -32.25 -13.63
C PRO A 1332 25.06 -33.60 -13.42
N SER A 1333 26.07 -33.63 -12.55
CA SER A 1333 26.79 -34.86 -12.24
C SER A 1333 26.43 -35.43 -10.88
N LEU A 1334 26.23 -34.56 -9.89
CA LEU A 1334 25.83 -34.99 -8.55
C LEU A 1334 24.33 -34.96 -8.35
N ILE A 1335 23.60 -34.19 -9.17
CA ILE A 1335 22.13 -34.26 -9.15
C ILE A 1335 21.62 -35.65 -9.53
N PRO A 1336 22.11 -36.31 -10.59
CA PRO A 1336 21.56 -37.63 -10.93
C PRO A 1336 21.71 -38.67 -9.84
N LYS A 1337 22.68 -38.53 -8.96
CA LYS A 1337 22.86 -39.46 -7.85
C LYS A 1337 22.09 -38.94 -6.63
N ASN A 1338 21.31 -39.82 -6.02
CA ASN A 1338 20.50 -39.44 -4.87
C ASN A 1338 21.38 -38.85 -3.78
N TRP A 1339 20.85 -37.86 -3.07
CA TRP A 1339 21.62 -37.20 -2.03
C TRP A 1339 21.94 -38.20 -0.92
N PRO A 1340 23.22 -38.34 -0.56
CA PRO A 1340 23.61 -39.44 0.34
C PRO A 1340 23.03 -39.30 1.74
N ASP A 1341 22.67 -40.45 2.32
CA ASP A 1341 22.16 -40.45 3.69
C ASP A 1341 23.27 -40.26 4.70
N GLN A 1342 24.51 -40.61 4.34
CA GLN A 1342 25.65 -40.45 5.23
C GLN A 1342 25.84 -38.97 5.57
N GLY A 1343 25.66 -38.64 6.84
CA GLY A 1343 25.71 -37.26 7.27
C GLY A 1343 27.09 -36.74 7.63
N LYS A 1344 28.12 -37.44 7.19
CA LYS A 1344 29.49 -36.98 7.42
C LYS A 1344 29.73 -35.66 6.70
N ILE A 1345 30.08 -34.63 7.48
CA ILE A 1345 30.32 -33.30 6.91
C ILE A 1345 31.61 -32.74 7.51
N GLN A 1346 32.18 -31.76 6.81
CA GLN A 1346 33.42 -31.16 7.29
C GLN A 1346 33.58 -29.77 6.69
N ILE A 1347 33.84 -28.79 7.55
CA ILE A 1347 34.05 -27.41 7.13
C ILE A 1347 35.49 -27.04 7.48
N GLN A 1348 36.26 -26.66 6.45
CA GLN A 1348 37.67 -26.34 6.64
C GLN A 1348 37.93 -24.88 6.29
N ASN A 1349 38.56 -24.18 7.24
CA ASN A 1349 39.01 -22.80 7.08
C ASN A 1349 37.89 -21.88 6.62
N LEU A 1350 36.79 -21.90 7.37
CA LEU A 1350 35.59 -21.16 6.99
C LEU A 1350 35.59 -19.79 7.67
N SER A 1351 35.29 -18.76 6.88
CA SER A 1351 34.95 -17.43 7.36
C SER A 1351 33.59 -17.04 6.78
N VAL A 1352 33.07 -15.89 7.21
CA VAL A 1352 31.77 -15.45 6.75
C VAL A 1352 31.67 -13.95 6.96
N ARG A 1353 31.06 -13.26 5.99
CA ARG A 1353 30.85 -11.82 6.05
C ARG A 1353 29.47 -11.53 5.47
N TYR A 1354 28.62 -10.91 6.26
CA TYR A 1354 27.28 -10.57 5.78
C TYR A 1354 27.35 -9.63 4.58
N ASP A 1355 27.92 -8.45 4.78
CA ASP A 1355 28.07 -7.47 3.72
C ASP A 1355 29.48 -7.54 3.14
N SER A 1356 29.57 -7.24 1.85
CA SER A 1356 30.88 -7.23 1.18
C SER A 1356 31.74 -6.12 1.76
N SER A 1357 33.00 -6.45 2.07
CA SER A 1357 33.96 -5.50 2.63
C SER A 1357 33.47 -4.92 3.95
N LEU A 1358 33.03 -5.79 4.85
CA LEU A 1358 32.70 -5.40 6.21
C LEU A 1358 33.45 -6.30 7.19
N LYS A 1359 33.16 -6.16 8.47
CA LYS A 1359 33.87 -6.93 9.49
C LYS A 1359 33.56 -8.42 9.34
N PRO A 1360 34.53 -9.30 9.59
CA PRO A 1360 34.27 -10.74 9.51
C PRO A 1360 33.52 -11.23 10.74
N VAL A 1361 32.58 -12.15 10.51
CA VAL A 1361 31.81 -12.74 11.60
C VAL A 1361 32.44 -14.03 12.09
N LEU A 1362 32.86 -14.90 11.18
CA LEU A 1362 33.62 -16.09 11.51
C LEU A 1362 35.06 -15.93 11.05
N LYS A 1363 35.95 -16.72 11.65
CA LYS A 1363 37.39 -16.59 11.39
C LYS A 1363 38.06 -17.91 11.72
N HIS A 1364 38.65 -18.55 10.72
CA HIS A 1364 39.39 -19.81 10.87
C HIS A 1364 38.51 -20.90 11.50
N VAL A 1365 37.37 -21.16 10.86
CA VAL A 1365 36.44 -22.18 11.32
C VAL A 1365 36.86 -23.53 10.74
N ASN A 1366 37.02 -24.53 11.60
CA ASN A 1366 37.41 -25.87 11.19
C ASN A 1366 36.67 -26.86 12.08
N ALA A 1367 35.92 -27.77 11.46
CA ALA A 1367 35.10 -28.72 12.20
C ALA A 1367 34.79 -29.91 11.31
N LEU A 1368 34.55 -31.06 11.96
CA LEU A 1368 34.15 -32.27 11.25
C LEU A 1368 33.07 -32.97 12.06
N ILE A 1369 32.18 -33.69 11.35
CA ILE A 1369 31.03 -34.35 11.96
C ILE A 1369 30.88 -35.72 11.33
N SER A 1370 30.90 -36.75 12.16
CA SER A 1370 30.78 -38.14 11.75
C SER A 1370 29.32 -38.47 11.41
N PRO A 1371 29.09 -39.52 10.62
CA PRO A 1371 27.74 -39.81 10.15
C PRO A 1371 26.80 -40.19 11.30
N GLY A 1372 25.57 -39.69 11.21
CA GLY A 1372 24.49 -40.10 12.11
C GLY A 1372 24.76 -39.80 13.57
N GLN A 1373 25.41 -38.68 13.87
CA GLN A 1373 25.73 -38.32 15.24
C GLN A 1373 25.12 -36.97 15.59
N LYS A 1374 24.62 -36.85 16.81
CA LYS A 1374 24.03 -35.60 17.27
C LYS A 1374 25.14 -34.62 17.62
N ILE A 1375 25.02 -33.40 17.12
CA ILE A 1375 26.05 -32.37 17.27
C ILE A 1375 25.46 -31.19 18.02
N GLY A 1376 26.16 -30.75 19.07
CA GLY A 1376 25.73 -29.62 19.86
C GLY A 1376 26.70 -28.46 19.70
N ILE A 1377 26.15 -27.24 19.73
CA ILE A 1377 26.96 -26.03 19.65
C ILE A 1377 26.47 -25.07 20.73
N CYS A 1378 27.41 -24.37 21.35
CA CYS A 1378 27.09 -23.41 22.39
C CYS A 1378 27.87 -22.12 22.16
N GLY A 1379 27.51 -21.08 22.89
CA GLY A 1379 28.19 -19.81 22.77
C GLY A 1379 27.33 -18.67 23.24
N ARG A 1380 27.99 -17.54 23.51
CA ARG A 1380 27.31 -16.34 24.01
C ARG A 1380 26.59 -15.64 22.86
N THR A 1381 26.05 -14.46 23.13
CA THR A 1381 25.42 -13.67 22.10
C THR A 1381 26.45 -13.12 21.13
N GLY A 1382 26.03 -12.92 19.88
CA GLY A 1382 26.93 -12.44 18.86
C GLY A 1382 28.10 -13.36 18.57
N SER A 1383 28.03 -14.61 19.02
CA SER A 1383 29.14 -15.53 18.83
C SER A 1383 29.20 -16.03 17.38
N GLY A 1384 28.05 -16.26 16.76
CA GLY A 1384 28.03 -16.65 15.36
C GLY A 1384 27.31 -17.96 15.08
N LYS A 1385 26.44 -18.39 15.99
CA LYS A 1385 25.73 -19.65 15.80
C LYS A 1385 24.71 -19.53 14.67
N SER A 1386 23.85 -18.52 14.73
CA SER A 1386 22.91 -18.29 13.63
C SER A 1386 23.66 -17.99 12.34
N SER A 1387 24.82 -17.33 12.44
CA SER A 1387 25.64 -17.13 11.25
C SER A 1387 26.17 -18.46 10.73
N PHE A 1388 26.57 -19.35 11.64
CA PHE A 1388 27.00 -20.69 11.25
C PHE A 1388 25.89 -21.40 10.47
N SER A 1389 24.66 -21.32 10.97
CA SER A 1389 23.54 -21.98 10.30
C SER A 1389 23.24 -21.35 8.94
N LEU A 1390 23.20 -20.01 8.88
CA LEU A 1390 22.90 -19.34 7.63
C LEU A 1390 23.99 -19.61 6.58
N ALA A 1391 25.25 -19.74 7.02
CA ALA A 1391 26.32 -20.05 6.08
C ALA A 1391 26.28 -21.51 5.66
N PHE A 1392 25.74 -22.39 6.52
CA PHE A 1392 25.54 -23.78 6.12
C PHE A 1392 24.58 -23.91 4.95
N PHE A 1393 23.76 -22.89 4.69
CA PHE A 1393 22.81 -22.88 3.58
C PHE A 1393 23.24 -21.92 2.48
N ARG A 1394 24.42 -21.34 2.55
CA ARG A 1394 24.90 -20.36 1.58
C ARG A 1394 23.98 -19.14 1.52
N MET A 1395 23.54 -18.67 2.68
CA MET A 1395 22.74 -17.47 2.77
C MET A 1395 23.56 -16.22 3.00
N VAL A 1396 24.86 -16.36 3.23
CA VAL A 1396 25.78 -15.24 3.45
C VAL A 1396 26.80 -15.26 2.33
N ASP A 1397 26.84 -14.19 1.53
CA ASP A 1397 27.50 -14.18 0.23
C ASP A 1397 28.94 -13.72 0.27
N MET A 1398 29.63 -13.85 1.40
CA MET A 1398 31.06 -13.53 1.46
C MET A 1398 31.81 -14.56 2.31
N PHE A 1399 31.47 -15.83 2.15
CA PHE A 1399 32.14 -16.88 2.88
C PHE A 1399 33.43 -17.28 2.17
N GLU A 1400 34.42 -17.70 2.97
CA GLU A 1400 35.70 -18.17 2.46
C GLU A 1400 36.04 -19.48 3.16
N GLY A 1401 36.33 -20.52 2.38
CA GLY A 1401 36.68 -21.80 2.92
C GLY A 1401 36.04 -22.91 2.11
N ARG A 1402 35.96 -24.10 2.70
CA ARG A 1402 35.40 -25.25 2.00
C ARG A 1402 34.39 -25.97 2.90
N ILE A 1403 33.26 -26.33 2.33
CA ILE A 1403 32.19 -27.07 3.00
C ILE A 1403 31.97 -28.36 2.23
N ILE A 1404 32.44 -29.48 2.76
CA ILE A 1404 32.37 -30.78 2.09
C ILE A 1404 31.31 -31.61 2.80
N ILE A 1405 30.44 -32.24 2.01
CA ILE A 1405 29.37 -33.10 2.54
C ILE A 1405 29.42 -34.40 1.75
N ASP A 1406 30.00 -35.44 2.35
CA ASP A 1406 30.17 -36.76 1.70
C ASP A 1406 30.99 -36.62 0.41
N GLY A 1407 32.17 -36.00 0.54
CA GLY A 1407 33.01 -35.74 -0.61
C GLY A 1407 32.34 -34.92 -1.69
N ILE A 1408 31.30 -34.15 -1.32
CA ILE A 1408 30.47 -33.42 -2.27
C ILE A 1408 30.30 -32.00 -1.74
N ASP A 1409 30.44 -31.02 -2.63
CA ASP A 1409 30.31 -29.62 -2.25
C ASP A 1409 29.56 -28.90 -3.35
N ILE A 1410 29.59 -27.58 -3.33
CA ILE A 1410 28.80 -26.77 -4.26
C ILE A 1410 29.52 -26.61 -5.60
N ALA A 1411 30.63 -27.33 -5.77
CA ALA A 1411 31.42 -27.19 -6.99
C ALA A 1411 30.69 -27.68 -8.23
N LYS A 1412 29.72 -28.59 -8.07
CA LYS A 1412 28.97 -29.13 -9.20
C LYS A 1412 27.46 -29.10 -8.97
N LEU A 1413 26.98 -28.38 -7.96
CA LEU A 1413 25.58 -28.42 -7.58
C LEU A 1413 24.96 -27.04 -7.62
N PRO A 1414 23.81 -26.88 -8.28
CA PRO A 1414 23.06 -25.62 -8.17
C PRO A 1414 22.38 -25.50 -6.82
N LEU A 1415 21.86 -24.30 -6.55
CA LEU A 1415 21.38 -23.97 -5.21
C LEU A 1415 20.12 -24.72 -4.82
N HIS A 1416 19.36 -25.27 -5.78
CA HIS A 1416 18.10 -25.92 -5.44
C HIS A 1416 18.35 -27.24 -4.71
N THR A 1417 19.24 -28.08 -5.25
CA THR A 1417 19.60 -29.32 -4.57
C THR A 1417 20.27 -29.04 -3.22
N LEU A 1418 20.82 -27.84 -3.04
CA LEU A 1418 21.35 -27.44 -1.74
C LEU A 1418 20.24 -26.96 -0.80
N ARG A 1419 19.14 -26.45 -1.36
CA ARG A 1419 18.00 -26.08 -0.53
C ARG A 1419 17.12 -27.28 -0.20
N SER A 1420 17.31 -28.40 -0.90
CA SER A 1420 16.55 -29.61 -0.63
C SER A 1420 17.30 -30.63 0.23
N ARG A 1421 18.59 -30.40 0.51
CA ARG A 1421 19.42 -31.40 1.18
C ARG A 1421 19.34 -31.35 2.69
N LEU A 1422 18.96 -30.22 3.28
CA LEU A 1422 18.96 -30.04 4.73
C LEU A 1422 17.56 -29.70 5.22
N SER A 1423 17.43 -29.58 6.55
CA SER A 1423 16.25 -29.04 7.20
C SER A 1423 16.70 -28.06 8.27
N ILE A 1424 15.88 -27.05 8.53
CA ILE A 1424 16.27 -25.96 9.43
C ILE A 1424 15.05 -25.49 10.21
N ILE A 1425 15.21 -25.35 11.52
CA ILE A 1425 14.23 -24.70 12.38
C ILE A 1425 14.87 -23.42 12.92
N LEU A 1426 14.12 -22.33 12.86
CA LEU A 1426 14.62 -21.00 13.22
C LEU A 1426 14.14 -20.57 14.60
N GLN A 1427 14.85 -19.60 15.17
CA GLN A 1427 14.43 -18.96 16.40
C GLN A 1427 13.24 -18.03 16.17
N ASP A 1428 13.02 -17.60 14.92
CA ASP A 1428 11.95 -16.69 14.56
C ASP A 1428 10.85 -17.49 13.88
N PRO A 1429 9.77 -17.85 14.61
CA PRO A 1429 8.72 -18.71 14.01
C PRO A 1429 7.74 -17.88 13.20
N VAL A 1430 7.62 -18.21 11.92
CA VAL A 1430 6.67 -17.55 11.03
C VAL A 1430 5.59 -18.56 10.65
N LEU A 1431 4.38 -18.07 10.42
CA LEU A 1431 3.25 -18.92 10.05
C LEU A 1431 2.32 -18.10 9.17
N PHE A 1432 2.21 -18.48 7.90
CA PHE A 1432 1.34 -17.79 6.96
C PHE A 1432 -0.06 -18.37 7.01
N SER A 1433 -1.04 -17.55 6.62
CA SER A 1433 -2.44 -17.88 6.80
C SER A 1433 -2.86 -19.00 5.84
N GLY A 1434 -4.05 -19.54 6.10
CA GLY A 1434 -4.58 -20.63 5.32
C GLY A 1434 -5.20 -21.70 6.19
N THR A 1435 -4.78 -22.94 6.00
CA THR A 1435 -5.19 -24.06 6.84
C THR A 1435 -3.94 -24.70 7.46
N ILE A 1436 -4.18 -25.70 8.32
CA ILE A 1436 -3.05 -26.40 8.93
C ILE A 1436 -2.33 -27.25 7.91
N ARG A 1437 -3.05 -27.77 6.91
CA ARG A 1437 -2.38 -28.52 5.84
C ARG A 1437 -1.45 -27.64 5.03
N PHE A 1438 -1.79 -26.36 4.86
CA PHE A 1438 -0.95 -25.46 4.09
C PHE A 1438 0.30 -25.03 4.86
N ASN A 1439 0.20 -24.91 6.19
CA ASN A 1439 1.38 -24.61 6.98
C ASN A 1439 2.27 -25.83 7.16
N LEU A 1440 1.68 -27.03 7.26
CA LEU A 1440 2.48 -28.22 7.50
C LEU A 1440 3.12 -28.75 6.21
N ASP A 1441 2.43 -28.60 5.08
CA ASP A 1441 2.93 -29.11 3.81
C ASP A 1441 2.25 -28.34 2.69
N PRO A 1442 2.88 -27.27 2.21
CA PRO A 1442 2.32 -26.54 1.06
C PRO A 1442 2.34 -27.33 -0.24
N GLU A 1443 3.16 -28.38 -0.33
CA GLU A 1443 3.21 -29.18 -1.55
C GLU A 1443 1.98 -30.08 -1.68
N LYS A 1444 1.22 -30.28 -0.60
CA LYS A 1444 0.01 -31.10 -0.62
C LYS A 1444 0.30 -32.51 -1.11
N LYS A 1445 1.38 -33.10 -0.60
CA LYS A 1445 1.84 -34.43 -0.98
C LYS A 1445 2.00 -35.32 0.24
N CYS A 1446 0.99 -35.30 1.11
CA CYS A 1446 1.01 -36.10 2.33
C CYS A 1446 -0.38 -36.64 2.62
N SER A 1447 -0.41 -37.82 3.24
CA SER A 1447 -1.66 -38.41 3.71
C SER A 1447 -1.99 -37.87 5.11
N ASP A 1448 -3.27 -37.94 5.45
CA ASP A 1448 -3.72 -37.38 6.74
C ASP A 1448 -3.16 -38.15 7.91
N SER A 1449 -2.99 -39.47 7.78
CA SER A 1449 -2.37 -40.25 8.85
C SER A 1449 -0.92 -39.84 9.06
N THR A 1450 -0.21 -39.48 7.99
CA THR A 1450 1.17 -39.02 8.12
C THR A 1450 1.26 -37.76 8.96
N LEU A 1451 0.41 -36.78 8.67
CA LEU A 1451 0.41 -35.54 9.44
C LEU A 1451 -0.08 -35.75 10.86
N TRP A 1452 -1.05 -36.65 11.06
CA TRP A 1452 -1.50 -36.94 12.42
C TRP A 1452 -0.38 -37.56 13.24
N GLU A 1453 0.39 -38.48 12.64
CA GLU A 1453 1.53 -39.05 13.34
C GLU A 1453 2.59 -38.00 13.59
N ALA A 1454 2.83 -37.10 12.62
CA ALA A 1454 3.82 -36.05 12.80
C ALA A 1454 3.44 -35.09 13.92
N LEU A 1455 2.14 -34.85 14.12
CA LEU A 1455 1.69 -34.00 15.22
C LEU A 1455 1.76 -34.74 16.55
N GLU A 1456 1.36 -36.02 16.57
CA GLU A 1456 1.45 -36.80 17.80
C GLU A 1456 2.88 -37.02 18.25
N ILE A 1457 3.84 -36.97 17.33
CA ILE A 1457 5.24 -37.05 17.70
C ILE A 1457 5.77 -35.69 18.17
N ALA A 1458 5.28 -34.61 17.58
CA ALA A 1458 5.72 -33.27 17.93
C ALA A 1458 5.02 -32.71 19.16
N GLN A 1459 4.31 -33.53 19.91
CA GLN A 1459 3.62 -33.12 21.14
C GLN A 1459 2.66 -31.97 20.86
N LEU A 1460 1.81 -32.15 19.84
CA LEU A 1460 0.87 -31.12 19.43
C LEU A 1460 -0.52 -31.67 19.12
N LYS A 1461 -0.73 -32.98 19.25
CA LYS A 1461 -1.97 -33.61 18.79
C LYS A 1461 -3.17 -33.16 19.61
N LEU A 1462 -3.00 -33.03 20.93
CA LEU A 1462 -4.13 -32.75 21.80
C LEU A 1462 -4.70 -31.36 21.55
N VAL A 1463 -3.83 -30.38 21.27
CA VAL A 1463 -4.31 -29.03 20.98
C VAL A 1463 -4.81 -28.89 19.55
N VAL A 1464 -4.50 -29.85 18.68
CA VAL A 1464 -5.06 -29.84 17.33
C VAL A 1464 -6.45 -30.45 17.33
N LYS A 1465 -6.65 -31.52 18.10
CA LYS A 1465 -7.96 -32.17 18.15
C LYS A 1465 -9.03 -31.27 18.76
N ALA A 1466 -8.64 -30.30 19.57
CA ALA A 1466 -9.58 -29.43 20.28
C ALA A 1466 -10.02 -28.21 19.47
N LEU A 1467 -9.80 -28.23 18.16
CA LEU A 1467 -10.19 -27.13 17.31
C LEU A 1467 -11.22 -27.57 16.28
N PRO A 1468 -12.11 -26.67 15.85
CA PRO A 1468 -13.08 -27.04 14.81
C PRO A 1468 -12.39 -27.20 13.47
N GLY A 1469 -12.66 -28.33 12.80
CA GLY A 1469 -12.00 -28.65 11.55
C GLY A 1469 -10.53 -28.98 11.77
N GLY A 1470 -10.27 -30.15 12.35
CA GLY A 1470 -8.97 -30.54 12.87
C GLY A 1470 -7.77 -30.18 12.02
N LEU A 1471 -7.70 -30.74 10.83
CA LEU A 1471 -6.63 -30.43 9.90
C LEU A 1471 -7.03 -29.34 8.90
N ASP A 1472 -8.18 -28.69 9.11
CA ASP A 1472 -8.64 -27.64 8.22
C ASP A 1472 -9.08 -26.38 8.98
N ALA A 1473 -8.60 -26.20 10.21
CA ALA A 1473 -8.86 -24.97 10.93
C ALA A 1473 -8.14 -23.81 10.26
N ILE A 1474 -8.82 -22.68 10.15
CA ILE A 1474 -8.26 -21.52 9.46
C ILE A 1474 -7.24 -20.84 10.36
N ILE A 1475 -6.01 -20.72 9.87
CA ILE A 1475 -4.93 -20.04 10.59
C ILE A 1475 -4.78 -18.65 9.99
N THR A 1476 -4.62 -17.66 10.86
CA THR A 1476 -4.26 -16.31 10.45
C THR A 1476 -2.78 -16.07 10.75
N GLU A 1477 -2.20 -15.11 10.03
CA GLU A 1477 -0.78 -14.83 10.18
C GLU A 1477 -0.43 -14.48 11.62
N GLY A 1478 0.28 -15.37 12.30
CA GLY A 1478 0.54 -15.18 13.71
C GLY A 1478 -0.76 -15.25 14.50
N GLY A 1479 -1.22 -14.10 14.96
CA GLY A 1479 -2.44 -14.02 15.72
C GLY A 1479 -2.30 -14.72 17.06
N GLU A 1480 -3.44 -14.89 17.73
CA GLU A 1480 -3.49 -15.62 18.99
C GLU A 1480 -4.17 -16.96 18.85
N ASN A 1481 -4.39 -17.43 17.61
CA ASN A 1481 -4.81 -18.80 17.39
C ASN A 1481 -3.77 -19.80 17.90
N PHE A 1482 -2.52 -19.36 18.01
CA PHE A 1482 -1.44 -20.18 18.55
C PHE A 1482 -0.44 -19.28 19.24
N SER A 1483 -0.02 -19.68 20.44
CA SER A 1483 1.01 -18.95 21.16
C SER A 1483 2.37 -19.17 20.47
N GLN A 1484 3.40 -18.51 21.01
CA GLN A 1484 4.73 -18.62 20.44
C GLN A 1484 5.22 -20.06 20.45
N GLY A 1485 5.00 -20.77 21.57
CA GLY A 1485 5.44 -22.15 21.67
C GLY A 1485 4.77 -23.05 20.64
N GLN A 1486 3.49 -22.80 20.36
CA GLN A 1486 2.79 -23.61 19.37
C GLN A 1486 3.31 -23.34 17.97
N ARG A 1487 3.68 -22.10 17.67
CA ARG A 1487 4.32 -21.80 16.38
C ARG A 1487 5.66 -22.51 16.27
N GLN A 1488 6.44 -22.51 17.36
CA GLN A 1488 7.68 -23.27 17.36
C GLN A 1488 7.42 -24.75 17.09
N LEU A 1489 6.36 -25.30 17.70
CA LEU A 1489 6.03 -26.70 17.48
C LEU A 1489 5.62 -26.96 16.05
N PHE A 1490 4.93 -26.01 15.41
CA PHE A 1490 4.56 -26.19 14.00
C PHE A 1490 5.79 -26.15 13.10
N CYS A 1491 6.76 -25.30 13.42
CA CYS A 1491 8.04 -25.34 12.70
C CYS A 1491 8.72 -26.69 12.88
N LEU A 1492 8.71 -27.21 14.12
CA LEU A 1492 9.22 -28.55 14.37
C LEU A 1492 8.50 -29.58 13.52
N ALA A 1493 7.19 -29.40 13.32
CA ALA A 1493 6.42 -30.37 12.54
C ALA A 1493 6.79 -30.31 11.06
N ARG A 1494 7.02 -29.10 10.53
CA ARG A 1494 7.62 -28.98 9.20
C ARG A 1494 8.88 -29.82 9.13
N ALA A 1495 9.78 -29.62 10.09
CA ALA A 1495 11.03 -30.37 10.12
C ALA A 1495 10.79 -31.87 10.15
N PHE A 1496 9.78 -32.30 10.91
CA PHE A 1496 9.46 -33.73 11.00
C PHE A 1496 9.06 -34.28 9.64
N VAL A 1497 8.13 -33.60 8.97
CA VAL A 1497 7.59 -34.13 7.71
C VAL A 1497 8.57 -33.98 6.55
N ARG A 1498 9.56 -33.09 6.66
CA ARG A 1498 10.46 -32.88 5.52
C ARG A 1498 11.26 -34.14 5.18
N LYS A 1499 11.71 -34.88 6.20
CA LYS A 1499 12.40 -36.16 6.04
C LYS A 1499 13.68 -36.00 5.20
N THR A 1500 14.62 -35.23 5.76
CA THR A 1500 15.93 -35.04 5.15
C THR A 1500 16.99 -35.80 5.97
N SER A 1501 18.25 -35.62 5.58
CA SER A 1501 19.36 -36.31 6.25
C SER A 1501 20.05 -35.45 7.30
N ILE A 1502 19.98 -34.13 7.19
CA ILE A 1502 20.68 -33.22 8.09
C ILE A 1502 19.66 -32.26 8.69
N PHE A 1503 19.77 -32.03 10.00
CA PHE A 1503 18.90 -31.13 10.74
C PHE A 1503 19.70 -30.00 11.35
N ILE A 1504 19.13 -28.80 11.29
CA ILE A 1504 19.64 -27.63 11.99
C ILE A 1504 18.54 -27.14 12.91
N MET A 1505 18.89 -26.89 14.18
CA MET A 1505 17.90 -26.50 15.19
C MET A 1505 18.40 -25.27 15.92
N ASP A 1506 18.02 -24.07 15.44
CA ASP A 1506 18.45 -22.82 16.06
C ASP A 1506 17.43 -22.44 17.13
N GLU A 1507 17.69 -22.85 18.36
CA GLU A 1507 16.89 -22.50 19.53
C GLU A 1507 15.43 -22.92 19.37
N ALA A 1508 15.23 -24.24 19.31
CA ALA A 1508 13.88 -24.77 19.50
C ALA A 1508 13.44 -24.66 20.95
N THR A 1509 14.31 -24.18 21.82
CA THR A 1509 14.02 -23.98 23.24
C THR A 1509 13.55 -22.57 23.54
N ALA A 1510 13.41 -21.73 22.51
CA ALA A 1510 13.22 -20.29 22.73
C ALA A 1510 11.95 -20.01 23.53
N SER A 1511 10.85 -20.69 23.21
CA SER A 1511 9.60 -20.36 23.86
C SER A 1511 8.84 -21.61 24.31
N ILE A 1512 9.56 -22.65 24.72
CA ILE A 1512 8.95 -23.88 25.20
C ILE A 1512 9.35 -24.08 26.65
N ASP A 1513 8.37 -24.48 27.47
CA ASP A 1513 8.62 -24.75 28.88
C ASP A 1513 9.64 -25.87 29.04
N MET A 1514 10.53 -25.71 30.02
CA MET A 1514 11.59 -26.69 30.25
C MET A 1514 11.01 -28.07 30.54
N ALA A 1515 9.92 -28.12 31.30
CA ALA A 1515 9.30 -29.40 31.64
C ALA A 1515 8.85 -30.15 30.39
N THR A 1516 8.22 -29.44 29.46
CA THR A 1516 7.84 -30.07 28.19
C THR A 1516 9.01 -30.14 27.23
N GLU A 1517 9.99 -29.23 27.36
CA GLU A 1517 11.11 -29.21 26.43
C GLU A 1517 12.00 -30.43 26.59
N ASN A 1518 12.23 -30.88 27.83
CA ASN A 1518 13.10 -32.03 28.05
C ASN A 1518 12.52 -33.28 27.41
N ILE A 1519 11.23 -33.56 27.65
CA ILE A 1519 10.60 -34.73 27.06
C ILE A 1519 10.46 -34.57 25.55
N LEU A 1520 10.23 -33.33 25.07
CA LEU A 1520 10.17 -33.11 23.63
C LEU A 1520 11.50 -33.41 22.96
N GLN A 1521 12.60 -33.01 23.59
CA GLN A 1521 13.92 -33.31 23.02
C GLN A 1521 14.23 -34.80 23.09
N LYS A 1522 13.81 -35.46 24.17
CA LYS A 1522 14.00 -36.91 24.24
C LYS A 1522 13.25 -37.62 23.11
N VAL A 1523 12.00 -37.21 22.87
CA VAL A 1523 11.22 -37.84 21.82
C VAL A 1523 11.78 -37.50 20.43
N VAL A 1524 12.28 -36.27 20.26
CA VAL A 1524 12.83 -35.89 18.96
C VAL A 1524 14.19 -36.55 18.72
N MET A 1525 14.88 -36.97 19.79
CA MET A 1525 16.09 -37.76 19.61
C MET A 1525 15.77 -39.21 19.29
N THR A 1526 14.76 -39.77 19.97
CA THR A 1526 14.36 -41.14 19.66
C THR A 1526 13.76 -41.26 18.26
N ALA A 1527 13.15 -40.18 17.76
CA ALA A 1527 12.54 -40.21 16.43
C ALA A 1527 13.58 -40.06 15.34
N PHE A 1528 14.42 -39.04 15.43
CA PHE A 1528 15.47 -38.80 14.44
C PHE A 1528 16.79 -39.40 14.94
N ALA A 1529 16.82 -40.73 14.93
CA ALA A 1529 18.03 -41.45 15.37
C ALA A 1529 19.02 -41.64 14.24
N ASP A 1530 18.54 -42.00 13.05
CA ASP A 1530 19.42 -42.30 11.92
C ASP A 1530 19.56 -41.07 11.00
N ARG A 1531 20.03 -39.97 11.59
CA ARG A 1531 20.32 -38.75 10.84
C ARG A 1531 21.02 -37.76 11.75
N THR A 1532 21.88 -36.94 11.16
CA THR A 1532 22.66 -35.96 11.91
C THR A 1532 21.82 -34.73 12.24
N VAL A 1533 21.93 -34.28 13.49
CA VAL A 1533 21.22 -33.10 13.97
C VAL A 1533 22.20 -32.19 14.67
N VAL A 1534 22.23 -30.92 14.26
CA VAL A 1534 23.11 -29.91 14.84
C VAL A 1534 22.22 -28.88 15.53
N THR A 1535 22.40 -28.74 16.84
CA THR A 1535 21.53 -27.91 17.67
C THR A 1535 22.29 -26.73 18.23
N ILE A 1536 21.57 -25.64 18.44
CA ILE A 1536 22.08 -24.47 19.16
C ILE A 1536 20.99 -23.98 20.10
N ALA A 1537 21.07 -24.37 21.37
CA ALA A 1537 20.05 -24.05 22.35
C ALA A 1537 20.67 -23.37 23.55
N HIS A 1538 19.98 -22.35 24.07
CA HIS A 1538 20.43 -21.68 25.28
C HIS A 1538 20.00 -22.42 26.55
N ARG A 1539 19.63 -23.69 26.42
CA ARG A 1539 19.38 -24.57 27.55
C ARG A 1539 20.60 -25.44 27.79
N VAL A 1540 20.97 -25.59 29.06
CA VAL A 1540 22.21 -26.30 29.39
C VAL A 1540 22.04 -27.80 29.19
N HIS A 1541 20.90 -28.34 29.62
CA HIS A 1541 20.73 -29.79 29.62
C HIS A 1541 20.77 -30.37 28.20
N THR A 1542 20.15 -29.66 27.24
CA THR A 1542 20.17 -30.10 25.86
C THR A 1542 21.61 -30.18 25.34
N ILE A 1543 22.41 -29.16 25.62
CA ILE A 1543 23.82 -29.21 25.26
C ILE A 1543 24.50 -30.38 25.96
N LEU A 1544 24.09 -30.68 27.19
CA LEU A 1544 24.73 -31.73 27.96
C LEU A 1544 24.49 -33.11 27.36
N SER A 1545 23.29 -33.34 26.83
CA SER A 1545 22.96 -34.67 26.33
C SER A 1545 23.73 -35.05 25.07
N ALA A 1546 24.40 -34.11 24.41
CA ALA A 1546 25.05 -34.38 23.14
C ALA A 1546 26.45 -34.95 23.33
N ASP A 1547 26.94 -35.65 22.30
CA ASP A 1547 28.29 -36.22 22.34
C ASP A 1547 29.33 -35.20 21.92
N LEU A 1548 29.27 -34.74 20.67
CA LEU A 1548 30.24 -33.79 20.12
C LEU A 1548 29.66 -32.40 20.25
N VAL A 1549 30.22 -31.62 21.18
CA VAL A 1549 29.77 -30.25 21.41
C VAL A 1549 30.93 -29.32 21.12
N MET A 1550 30.65 -28.26 20.37
CA MET A 1550 31.63 -27.23 20.10
C MET A 1550 31.16 -25.90 20.65
N VAL A 1551 32.07 -25.19 21.29
CA VAL A 1551 31.82 -23.87 21.84
C VAL A 1551 32.37 -22.83 20.89
N LEU A 1552 31.49 -21.95 20.42
CA LEU A 1552 31.91 -20.79 19.64
C LEU A 1552 32.52 -19.74 20.56
N LYS A 1553 33.64 -19.19 20.13
CA LYS A 1553 34.35 -18.18 20.88
C LYS A 1553 34.05 -16.81 20.27
N ARG A 1554 34.80 -15.80 20.71
CA ARG A 1554 34.63 -14.44 20.19
C ARG A 1554 34.56 -14.43 18.66
N GLY A 1555 35.43 -15.19 18.00
CA GLY A 1555 35.33 -15.38 16.57
C GLY A 1555 35.40 -16.84 16.12
N ALA A 1556 35.94 -17.72 16.95
CA ALA A 1556 36.29 -19.07 16.56
C ALA A 1556 35.50 -20.10 17.38
N ILE A 1557 35.87 -21.37 17.22
CA ILE A 1557 35.18 -22.48 17.87
C ILE A 1557 36.22 -23.39 18.52
N LEU A 1558 35.72 -24.38 19.26
CA LEU A 1558 36.53 -25.50 19.72
C LEU A 1558 35.63 -26.68 20.04
N GLU A 1559 36.01 -27.86 19.56
CA GLU A 1559 35.22 -29.07 19.69
C GLU A 1559 35.70 -29.92 20.87
N PHE A 1560 34.75 -30.61 21.51
CA PHE A 1560 35.05 -31.54 22.59
C PHE A 1560 33.99 -32.64 22.60
N ASP A 1561 34.40 -33.85 22.98
CA ASP A 1561 33.55 -35.03 22.84
C ASP A 1561 33.14 -35.63 24.19
N LYS A 1562 34.09 -35.99 25.03
CA LYS A 1562 33.76 -36.82 26.19
C LYS A 1562 33.12 -35.96 27.28
N PRO A 1563 31.94 -36.35 27.78
CA PRO A 1563 31.28 -35.54 28.82
C PRO A 1563 32.07 -35.41 30.10
N GLU A 1564 32.88 -36.40 30.45
CA GLU A 1564 33.73 -36.31 31.63
C GLU A 1564 35.05 -35.60 31.37
N THR A 1565 35.52 -35.61 30.13
CA THR A 1565 36.77 -34.94 29.77
C THR A 1565 36.55 -33.49 29.35
N LEU A 1566 35.46 -33.20 28.65
CA LEU A 1566 35.20 -31.83 28.21
C LEU A 1566 34.84 -30.89 29.35
N LEU A 1567 34.57 -31.42 30.54
CA LEU A 1567 34.15 -30.59 31.66
C LEU A 1567 35.27 -30.27 32.64
N SER A 1568 36.36 -31.03 32.64
CA SER A 1568 37.52 -30.73 33.48
C SER A 1568 38.73 -30.25 32.67
N GLN A 1569 38.70 -30.36 31.35
CA GLN A 1569 39.81 -29.88 30.53
C GLN A 1569 39.85 -28.37 30.47
N LYS A 1570 38.68 -27.75 30.36
CA LYS A 1570 38.60 -26.29 30.41
C LYS A 1570 38.93 -25.73 31.80
N ASP A 1571 39.36 -26.57 32.76
CA ASP A 1571 39.53 -26.18 34.16
C ASP A 1571 38.20 -25.72 34.76
N SER A 1572 37.11 -26.27 34.23
CA SER A 1572 35.75 -25.99 34.71
C SER A 1572 35.43 -24.49 34.62
N VAL A 1573 35.41 -23.99 33.40
CA VAL A 1573 35.19 -22.57 33.16
C VAL A 1573 33.99 -22.33 32.25
N PHE A 1574 34.01 -22.92 31.05
CA PHE A 1574 33.04 -22.58 30.01
C PHE A 1574 31.90 -23.57 29.88
N ALA A 1575 32.04 -24.79 30.40
CA ALA A 1575 30.99 -25.79 30.27
C ALA A 1575 30.52 -26.40 31.58
N SER A 1576 31.29 -26.29 32.66
CA SER A 1576 30.92 -26.90 33.93
C SER A 1576 30.16 -25.94 34.85
N PHE A 1577 30.79 -24.80 35.17
CA PHE A 1577 30.13 -23.83 36.05
C PHE A 1577 28.89 -23.23 35.39
N VAL A 1578 28.85 -23.20 34.05
CA VAL A 1578 27.63 -22.79 33.37
C VAL A 1578 26.51 -23.79 33.64
N ARG A 1579 26.86 -25.06 33.82
CA ARG A 1579 25.88 -26.09 34.15
C ARG A 1579 25.56 -26.08 35.63
#